data_8QC6
#
_entry.id   8QC6
#
_cell.length_a   56.561
_cell.length_b   73.017
_cell.length_c   199.502
_cell.angle_alpha   90.00
_cell.angle_beta   90.00
_cell.angle_gamma   90.00
#
_symmetry.space_group_name_H-M   'P 21 21 21'
#
loop_
_entity.id
_entity.type
_entity.pdbx_description
1 polymer Oxidoreductase
2 non-polymer NICOTINAMIDE-ADENINE-DINUCLEOTIDE
3 non-polymer sulfoquinovose
4 water water
#
_entity_poly.entity_id   1
_entity_poly.type   'polypeptide(L)'
_entity_poly.pdbx_seq_one_letter_code
;MGSSHHHHHHSSGMSLPTAEAVRTIRYGLIGAGHMAREHVRNLALIPGSLITAVSDPQPSSLEETVAEIGYEVTTFPDHR
ELLVSGLVDALVIASPNDTHLDILKDIFSNQMKLPVLVEKPVCTTAAQADELESLAAGYSAPVWVAMEYRYMPPVQELIQ
AAHGGKLGNVFMLSIVEHRFPFLHKVDAWNRFNERTGGTLVEKCCHFFDLMRLILQDEPTRIYASGGHDVNHMDELYEGR
VSDMIDNAYVVVDFKSGRRAMLELSMFAEGSKFQERISIVGDAAKIECLIPVAASHWIEGDESEAVVEFSPRSPLGPETH
EVPVDEAVLAAGAHHGSTYYEHLGYRKAILGEGPVEVTVADGLQSVRMGLAAERSIIEGRPVELLSANSAVS
;
_entity_poly.pdbx_strand_id   A,B
#
loop_
_chem_comp.id
_chem_comp.type
_chem_comp.name
_chem_comp.formula
NAD non-polymer NICOTINAMIDE-ADENINE-DINUCLEOTIDE 'C21 H27 N7 O14 P2'
R7R non-polymer sulfoquinovose 'C6 H12 O8 S'
#
# COMPACT_ATOMS: atom_id res chain seq x y z
N GLU A 20 -36.89 -26.35 14.05
CA GLU A 20 -35.82 -27.24 13.49
C GLU A 20 -35.18 -28.06 14.60
N ALA A 21 -34.94 -27.48 15.79
CA ALA A 21 -34.48 -28.21 16.98
C ALA A 21 -32.96 -28.06 17.13
N VAL A 22 -32.52 -27.45 18.23
CA VAL A 22 -31.09 -27.23 18.42
C VAL A 22 -30.46 -28.56 18.84
N ARG A 23 -29.42 -28.92 18.09
CA ARG A 23 -28.65 -30.12 18.27
C ARG A 23 -27.48 -29.73 19.19
N THR A 24 -27.29 -30.44 20.31
CA THR A 24 -26.18 -30.12 21.20
C THR A 24 -24.86 -30.66 20.62
N ILE A 25 -23.84 -29.81 20.59
CA ILE A 25 -22.47 -30.23 20.35
C ILE A 25 -21.67 -30.00 21.62
N ARG A 26 -20.94 -31.03 22.04
CA ARG A 26 -20.03 -30.94 23.17
C ARG A 26 -18.64 -30.57 22.66
N TYR A 27 -18.14 -29.39 23.05
CA TYR A 27 -16.85 -28.90 22.64
C TYR A 27 -15.80 -29.16 23.72
N GLY A 28 -14.61 -29.58 23.26
CA GLY A 28 -13.41 -29.57 24.07
C GLY A 28 -12.41 -28.52 23.58
N LEU A 29 -11.88 -27.76 24.54
CA LEU A 29 -10.93 -26.69 24.26
C LEU A 29 -9.55 -27.13 24.71
N ILE A 30 -8.62 -27.25 23.76
CA ILE A 30 -7.22 -27.58 24.05
C ILE A 30 -6.43 -26.27 23.96
N GLY A 31 -5.99 -25.77 25.13
CA GLY A 31 -5.49 -24.40 25.24
C GLY A 31 -6.60 -23.49 25.79
N ALA A 32 -6.32 -22.80 26.90
CA ALA A 32 -7.36 -22.07 27.61
C ALA A 32 -6.87 -20.66 27.92
N GLY A 33 -6.37 -19.98 26.88
CA GLY A 33 -5.85 -18.63 27.03
C GLY A 33 -6.77 -17.57 26.44
N HIS A 34 -6.15 -16.50 25.95
CA HIS A 34 -6.87 -15.30 25.53
C HIS A 34 -7.86 -15.64 24.40
N MET A 35 -7.37 -16.36 23.37
CA MET A 35 -8.19 -16.61 22.19
C MET A 35 -9.23 -17.68 22.52
N ALA A 36 -8.86 -18.64 23.37
CA ALA A 36 -9.82 -19.62 23.84
C ALA A 36 -11.01 -18.91 24.49
N ARG A 37 -10.74 -17.88 25.29
CA ARG A 37 -11.82 -17.15 25.96
C ARG A 37 -12.71 -16.44 24.94
N GLU A 38 -12.14 -16.03 23.80
CA GLU A 38 -12.93 -15.44 22.74
C GLU A 38 -13.82 -16.51 22.10
N HIS A 39 -13.24 -17.69 21.84
CA HIS A 39 -14.00 -18.82 21.35
C HIS A 39 -15.20 -19.09 22.27
N VAL A 40 -14.97 -19.04 23.59
CA VAL A 40 -15.99 -19.27 24.59
C VAL A 40 -17.15 -18.29 24.40
N ARG A 41 -16.84 -17.00 24.32
CA ARG A 41 -17.86 -15.97 24.25
C ARG A 41 -18.65 -16.07 22.94
N ASN A 42 -18.02 -16.57 21.88
CA ASN A 42 -18.71 -16.73 20.60
C ASN A 42 -19.58 -17.99 20.62
N LEU A 43 -19.10 -19.06 21.24
CA LEU A 43 -19.89 -20.27 21.39
C LEU A 43 -21.11 -19.99 22.27
N ALA A 44 -21.02 -19.03 23.19
CA ALA A 44 -22.14 -18.71 24.06
C ALA A 44 -23.26 -18.02 23.30
N LEU A 45 -22.98 -17.51 22.09
CA LEU A 45 -24.02 -16.86 21.27
C LEU A 45 -24.70 -17.87 20.35
N ILE A 46 -24.27 -19.15 20.39
CA ILE A 46 -24.78 -20.13 19.45
C ILE A 46 -25.47 -21.25 20.20
N PRO A 47 -26.83 -21.30 20.18
CA PRO A 47 -27.57 -22.36 20.87
C PRO A 47 -27.09 -23.76 20.51
N GLY A 48 -27.01 -24.60 21.54
CA GLY A 48 -26.56 -25.98 21.40
C GLY A 48 -25.05 -26.12 21.50
N SER A 49 -24.36 -25.08 21.98
CA SER A 49 -22.91 -25.08 22.11
C SER A 49 -22.55 -25.32 23.57
N LEU A 50 -22.19 -26.57 23.91
CA LEU A 50 -21.85 -26.93 25.27
C LEU A 50 -20.35 -27.29 25.37
N ILE A 51 -19.62 -26.52 26.17
CA ILE A 51 -18.24 -26.85 26.50
C ILE A 51 -18.27 -27.81 27.68
N THR A 52 -17.61 -28.94 27.53
CA THR A 52 -17.62 -30.01 28.52
C THR A 52 -16.23 -30.33 29.05
N ALA A 53 -15.17 -29.97 28.29
CA ALA A 53 -13.80 -30.29 28.62
C ALA A 53 -12.88 -29.16 28.19
N VAL A 54 -11.95 -28.80 29.07
CA VAL A 54 -10.94 -27.81 28.77
C VAL A 54 -9.59 -28.33 29.25
N SER A 55 -8.54 -28.17 28.43
CA SER A 55 -7.19 -28.58 28.78
C SER A 55 -6.24 -27.38 28.71
N ASP A 56 -5.26 -27.36 29.61
CA ASP A 56 -4.22 -26.36 29.66
C ASP A 56 -3.22 -26.75 30.76
N PRO A 57 -1.91 -26.73 30.46
CA PRO A 57 -0.90 -27.09 31.44
C PRO A 57 -0.73 -26.03 32.55
N GLN A 58 -1.36 -24.88 32.38
CA GLN A 58 -1.28 -23.80 33.33
C GLN A 58 -2.63 -23.62 34.03
N PRO A 59 -2.73 -23.89 35.34
CA PRO A 59 -3.95 -23.71 36.11
C PRO A 59 -4.50 -22.28 36.23
N SER A 60 -3.65 -21.25 36.16
CA SER A 60 -4.12 -19.87 36.12
C SER A 60 -5.02 -19.66 34.91
N SER A 61 -4.63 -20.25 33.77
CA SER A 61 -5.36 -20.09 32.51
C SER A 61 -6.72 -20.79 32.63
N LEU A 62 -6.71 -22.02 33.20
CA LEU A 62 -7.94 -22.78 33.39
C LEU A 62 -8.90 -22.05 34.33
N GLU A 63 -8.41 -21.41 35.39
CA GLU A 63 -9.28 -20.73 36.34
C GLU A 63 -10.02 -19.60 35.63
N GLU A 64 -9.25 -18.80 34.86
CA GLU A 64 -9.77 -17.62 34.20
C GLU A 64 -10.79 -18.05 33.14
N THR A 65 -10.52 -19.16 32.44
CA THR A 65 -11.34 -19.60 31.32
C THR A 65 -12.63 -20.25 31.83
N VAL A 66 -12.53 -21.08 32.88
CA VAL A 66 -13.71 -21.66 33.49
C VAL A 66 -14.63 -20.54 33.98
N ALA A 67 -14.04 -19.48 34.54
CA ALA A 67 -14.81 -18.34 35.02
C ALA A 67 -15.55 -17.66 33.85
N GLU A 68 -14.89 -17.58 32.69
CA GLU A 68 -15.48 -17.00 31.49
C GLU A 68 -16.63 -17.88 30.97
N ILE A 69 -16.46 -19.20 31.02
CA ILE A 69 -17.49 -20.12 30.57
C ILE A 69 -18.72 -19.97 31.48
N GLY A 70 -18.48 -19.92 32.80
CA GLY A 70 -19.48 -19.61 33.80
C GLY A 70 -20.38 -20.79 34.16
N TYR A 71 -19.94 -22.02 33.85
CA TYR A 71 -20.65 -23.23 34.23
C TYR A 71 -19.60 -24.30 34.38
N GLU A 72 -19.98 -25.42 34.99
CA GLU A 72 -19.02 -26.46 35.34
C GLU A 72 -18.62 -27.21 34.08
N VAL A 73 -17.32 -27.53 34.04
CA VAL A 73 -16.73 -28.32 32.98
C VAL A 73 -15.73 -29.27 33.63
N THR A 74 -15.19 -30.20 32.85
CA THR A 74 -14.09 -31.01 33.34
C THR A 74 -12.78 -30.47 32.79
N THR A 75 -11.78 -30.27 33.65
CA THR A 75 -10.52 -29.75 33.18
C THR A 75 -9.44 -30.83 33.25
N PHE A 76 -8.46 -30.67 32.38
CA PHE A 76 -7.34 -31.59 32.28
C PHE A 76 -6.09 -30.75 32.09
N PRO A 77 -4.94 -31.09 32.70
CA PRO A 77 -3.71 -30.40 32.37
C PRO A 77 -3.09 -30.87 31.04
N ASP A 78 -3.39 -32.10 30.60
CA ASP A 78 -2.86 -32.64 29.36
C ASP A 78 -4.02 -33.00 28.43
N HIS A 79 -3.85 -32.70 27.14
CA HIS A 79 -4.88 -32.90 26.13
C HIS A 79 -5.13 -34.38 25.84
N ARG A 80 -4.11 -35.21 26.05
CA ARG A 80 -4.20 -36.64 25.76
C ARG A 80 -5.31 -37.29 26.58
N GLU A 81 -5.57 -36.81 27.81
CA GLU A 81 -6.62 -37.38 28.64
C GLU A 81 -7.98 -36.81 28.22
N LEU A 82 -8.00 -35.56 27.74
CA LEU A 82 -9.22 -34.97 27.20
C LEU A 82 -9.70 -35.77 26.00
N LEU A 83 -8.77 -36.18 25.13
CA LEU A 83 -9.12 -36.87 23.90
C LEU A 83 -9.83 -38.20 24.16
N VAL A 84 -9.53 -38.88 25.29
CA VAL A 84 -10.14 -40.18 25.57
C VAL A 84 -11.15 -40.05 26.72
N SER A 85 -11.54 -38.82 27.08
CA SER A 85 -12.44 -38.58 28.20
C SER A 85 -13.83 -39.10 27.90
N GLY A 86 -14.20 -39.12 26.60
CA GLY A 86 -15.53 -39.49 26.17
C GLY A 86 -16.53 -38.37 26.37
N LEU A 87 -16.04 -37.15 26.60
CA LEU A 87 -16.90 -36.01 26.90
C LEU A 87 -17.18 -35.13 25.67
N VAL A 88 -16.54 -35.40 24.51
CA VAL A 88 -16.51 -34.38 23.45
C VAL A 88 -16.95 -34.90 22.08
N ASP A 89 -17.58 -34.00 21.32
CA ASP A 89 -17.96 -34.27 19.95
C ASP A 89 -17.04 -33.51 18.98
N ALA A 90 -16.35 -32.46 19.44
CA ALA A 90 -15.59 -31.59 18.56
C ALA A 90 -14.54 -30.83 19.37
N LEU A 91 -13.42 -30.48 18.72
CA LEU A 91 -12.31 -29.84 19.42
C LEU A 91 -12.07 -28.44 18.87
N VAL A 92 -11.55 -27.59 19.76
CA VAL A 92 -10.94 -26.32 19.41
C VAL A 92 -9.54 -26.27 20.01
N ILE A 93 -8.55 -25.94 19.19
CA ILE A 93 -7.15 -25.86 19.62
C ILE A 93 -6.74 -24.40 19.61
N ALA A 94 -6.34 -23.87 20.78
CA ALA A 94 -5.89 -22.49 20.91
C ALA A 94 -4.65 -22.44 21.81
N SER A 95 -3.68 -23.27 21.44
CA SER A 95 -2.41 -23.40 22.12
C SER A 95 -1.37 -22.64 21.31
N PRO A 96 -0.15 -22.39 21.83
CA PRO A 96 0.88 -21.68 21.08
C PRO A 96 1.17 -22.35 19.74
N ASN A 97 1.52 -21.53 18.75
CA ASN A 97 1.59 -21.91 17.35
C ASN A 97 2.39 -23.20 17.15
N ASP A 98 3.50 -23.35 17.88
CA ASP A 98 4.47 -24.43 17.60
C ASP A 98 4.04 -25.76 18.22
N THR A 99 2.85 -25.76 18.87
CA THR A 99 2.30 -26.96 19.50
C THR A 99 1.16 -27.54 18.66
N HIS A 100 0.72 -26.81 17.63
CA HIS A 100 -0.42 -27.23 16.85
C HIS A 100 -0.17 -28.61 16.23
N LEU A 101 0.94 -28.78 15.49
CA LEU A 101 1.16 -30.05 14.81
C LEU A 101 1.13 -31.23 15.78
N ASP A 102 1.76 -31.11 16.95
CA ASP A 102 1.87 -32.23 17.89
C ASP A 102 0.50 -32.62 18.43
N ILE A 103 -0.39 -31.63 18.64
CA ILE A 103 -1.71 -31.91 19.15
C ILE A 103 -2.53 -32.57 18.06
N LEU A 104 -2.39 -32.04 16.84
CA LEU A 104 -3.08 -32.61 15.69
C LEU A 104 -2.68 -34.08 15.49
N LYS A 105 -1.37 -34.40 15.65
CA LYS A 105 -0.89 -35.77 15.51
C LYS A 105 -1.58 -36.70 16.50
N ASP A 106 -1.76 -36.23 17.75
CA ASP A 106 -2.41 -37.02 18.79
C ASP A 106 -3.90 -37.19 18.45
N ILE A 107 -4.54 -36.15 17.92
CA ILE A 107 -5.93 -36.24 17.48
C ILE A 107 -6.05 -37.21 16.29
N PHE A 108 -5.11 -37.13 15.37
CA PHE A 108 -5.13 -37.94 14.16
C PHE A 108 -4.96 -39.44 14.47
N SER A 109 -4.25 -39.79 15.54
CA SER A 109 -3.97 -41.18 15.87
C SER A 109 -4.92 -41.71 16.94
N ASN A 110 -5.78 -40.83 17.49
CA ASN A 110 -6.82 -41.21 18.44
C ASN A 110 -7.90 -41.98 17.68
N GLN A 111 -8.58 -42.90 18.40
CA GLN A 111 -9.51 -43.84 17.79
C GLN A 111 -10.94 -43.26 17.71
N MET A 112 -11.12 -41.95 17.88
CA MET A 112 -12.45 -41.37 17.95
C MET A 112 -12.72 -40.44 16.76
N LYS A 113 -11.73 -40.16 15.92
CA LYS A 113 -11.98 -39.35 14.73
C LYS A 113 -12.87 -38.14 15.12
N LEU A 114 -12.27 -37.11 15.74
CA LEU A 114 -13.00 -35.93 16.18
C LEU A 114 -12.72 -34.73 15.29
N PRO A 115 -13.75 -33.96 14.89
CA PRO A 115 -13.51 -32.69 14.19
C PRO A 115 -12.66 -31.71 14.99
N VAL A 116 -11.87 -30.91 14.26
CA VAL A 116 -10.94 -29.96 14.85
C VAL A 116 -11.09 -28.58 14.20
N LEU A 117 -11.21 -27.56 15.04
CA LEU A 117 -10.97 -26.19 14.61
C LEU A 117 -9.62 -25.78 15.19
N VAL A 118 -8.59 -25.79 14.36
CA VAL A 118 -7.23 -25.52 14.84
C VAL A 118 -6.90 -24.06 14.53
N GLU A 119 -6.39 -23.35 15.53
CA GLU A 119 -6.05 -21.94 15.37
C GLU A 119 -4.87 -21.79 14.41
N LYS A 120 -4.85 -20.62 13.75
CA LYS A 120 -3.73 -20.25 12.91
C LYS A 120 -2.53 -19.91 13.78
N PRO A 121 -1.30 -19.95 13.22
CA PRO A 121 -1.01 -20.62 11.95
C PRO A 121 -1.11 -22.12 12.20
N VAL A 122 -1.50 -22.89 11.18
CA VAL A 122 -1.76 -24.29 11.40
C VAL A 122 -0.43 -24.96 11.79
N CYS A 123 0.70 -24.44 11.32
CA CYS A 123 2.02 -24.89 11.76
C CYS A 123 3.04 -23.76 11.56
N THR A 124 4.31 -23.96 11.93
CA THR A 124 5.27 -22.87 12.08
C THR A 124 6.54 -23.02 11.24
N THR A 125 6.75 -24.17 10.59
CA THR A 125 7.94 -24.39 9.79
C THR A 125 7.60 -25.22 8.56
N ALA A 126 8.54 -25.23 7.61
CA ALA A 126 8.39 -26.00 6.38
C ALA A 126 8.38 -27.50 6.68
N ALA A 127 9.21 -27.96 7.63
CA ALA A 127 9.21 -29.38 8.02
C ALA A 127 7.86 -29.79 8.62
N GLN A 128 7.27 -28.92 9.43
CA GLN A 128 5.99 -29.21 10.03
C GLN A 128 4.90 -29.32 8.96
N ALA A 129 4.97 -28.43 7.96
CA ALA A 129 3.97 -28.37 6.91
C ALA A 129 4.02 -29.62 6.01
N ASP A 130 5.24 -30.08 5.68
CA ASP A 130 5.45 -31.27 4.87
C ASP A 130 4.81 -32.47 5.57
N GLU A 131 5.04 -32.58 6.89
CA GLU A 131 4.53 -33.68 7.68
C GLU A 131 3.01 -33.58 7.85
N LEU A 132 2.49 -32.36 8.10
CA LEU A 132 1.06 -32.18 8.30
C LEU A 132 0.31 -32.57 7.02
N GLU A 133 0.87 -32.21 5.86
CA GLU A 133 0.22 -32.44 4.58
C GLU A 133 -0.11 -33.92 4.39
N SER A 134 0.85 -34.83 4.66
CA SER A 134 0.59 -36.27 4.55
C SER A 134 -0.41 -36.76 5.59
N LEU A 135 -0.25 -36.31 6.85
CA LEU A 135 -1.06 -36.81 7.94
C LEU A 135 -2.52 -36.38 7.81
N ALA A 136 -2.78 -35.16 7.29
CA ALA A 136 -4.12 -34.61 7.25
C ALA A 136 -4.96 -35.26 6.14
N ALA A 137 -4.32 -35.64 5.04
CA ALA A 137 -5.02 -36.31 3.93
C ALA A 137 -5.52 -37.68 4.38
N GLY A 138 -4.86 -38.30 5.37
CA GLY A 138 -5.25 -39.59 5.92
C GLY A 138 -6.26 -39.51 7.07
N TYR A 139 -6.75 -38.31 7.42
CA TYR A 139 -7.69 -38.17 8.53
C TYR A 139 -9.09 -37.96 7.98
N SER A 140 -10.06 -38.68 8.51
CA SER A 140 -11.41 -38.74 7.96
C SER A 140 -12.32 -37.61 8.48
N ALA A 141 -12.03 -37.04 9.66
CA ALA A 141 -12.91 -36.04 10.25
C ALA A 141 -12.52 -34.60 9.87
N PRO A 142 -13.48 -33.65 9.88
CA PRO A 142 -13.24 -32.27 9.44
C PRO A 142 -12.11 -31.58 10.23
N VAL A 143 -11.19 -30.94 9.48
CA VAL A 143 -10.16 -30.10 10.07
C VAL A 143 -10.25 -28.71 9.47
N TRP A 144 -10.65 -27.75 10.32
CA TRP A 144 -10.83 -26.36 9.94
C TRP A 144 -9.71 -25.52 10.54
N VAL A 145 -9.06 -24.67 9.74
CA VAL A 145 -8.03 -23.76 10.22
C VAL A 145 -8.69 -22.42 10.50
N ALA A 146 -8.50 -21.89 11.73
CA ALA A 146 -9.35 -20.82 12.22
C ALA A 146 -8.83 -19.44 11.79
N MET A 147 -8.77 -19.22 10.47
CA MET A 147 -8.50 -17.91 9.88
C MET A 147 -9.84 -17.29 9.49
N GLU A 148 -10.32 -16.35 10.33
CA GLU A 148 -11.72 -15.95 10.35
C GLU A 148 -12.01 -14.62 9.65
N TYR A 149 -10.98 -13.92 9.17
CA TYR A 149 -11.14 -12.53 8.74
C TYR A 149 -12.10 -12.42 7.57
N ARG A 150 -12.20 -13.46 6.74
CA ARG A 150 -13.15 -13.43 5.64
C ARG A 150 -14.59 -13.24 6.13
N TYR A 151 -14.86 -13.57 7.39
CA TYR A 151 -16.21 -13.53 7.91
C TYR A 151 -16.51 -12.16 8.53
N MET A 152 -15.53 -11.26 8.59
CA MET A 152 -15.84 -9.89 8.96
C MET A 152 -16.86 -9.36 7.95
N PRO A 153 -18.05 -8.85 8.35
CA PRO A 153 -19.06 -8.42 7.36
C PRO A 153 -18.57 -7.48 6.26
N PRO A 154 -17.74 -6.45 6.56
CA PRO A 154 -17.18 -5.64 5.48
C PRO A 154 -16.27 -6.38 4.50
N VAL A 155 -15.44 -7.31 5.00
CA VAL A 155 -14.57 -8.09 4.13
C VAL A 155 -15.38 -9.01 3.20
N GLN A 156 -16.48 -9.54 3.73
CA GLN A 156 -17.37 -10.43 3.03
C GLN A 156 -18.01 -9.69 1.85
N GLU A 157 -18.33 -8.41 2.03
CA GLU A 157 -18.85 -7.59 0.94
C GLU A 157 -17.82 -7.42 -0.17
N LEU A 158 -16.56 -7.18 0.19
CA LEU A 158 -15.50 -7.10 -0.81
C LEU A 158 -15.34 -8.42 -1.54
N ILE A 159 -15.45 -9.55 -0.85
CA ILE A 159 -15.22 -10.83 -1.52
C ILE A 159 -16.33 -11.04 -2.55
N GLN A 160 -17.58 -10.77 -2.15
CA GLN A 160 -18.72 -11.01 -3.02
C GLN A 160 -18.62 -10.11 -4.25
N ALA A 161 -18.18 -8.86 -4.04
CA ALA A 161 -18.04 -7.90 -5.13
C ALA A 161 -16.98 -8.38 -6.13
N ALA A 162 -15.83 -8.85 -5.64
CA ALA A 162 -14.74 -9.34 -6.48
C ALA A 162 -15.14 -10.61 -7.26
N HIS A 163 -15.65 -11.63 -6.53
CA HIS A 163 -16.09 -12.89 -7.13
C HIS A 163 -17.26 -12.67 -8.11
N GLY A 164 -18.14 -11.70 -7.81
CA GLY A 164 -19.35 -11.47 -8.59
C GLY A 164 -19.13 -10.60 -9.84
N GLY A 165 -17.90 -10.08 -10.03
CA GLY A 165 -17.59 -9.31 -11.22
C GLY A 165 -17.93 -7.82 -11.11
N LYS A 166 -18.30 -7.32 -9.92
CA LYS A 166 -18.66 -5.92 -9.72
C LYS A 166 -17.50 -4.98 -9.97
N LEU A 167 -16.28 -5.53 -10.06
CA LEU A 167 -15.08 -4.73 -10.28
C LEU A 167 -14.50 -4.97 -11.67
N GLY A 168 -15.19 -5.76 -12.49
CA GLY A 168 -14.64 -6.24 -13.74
C GLY A 168 -13.54 -7.24 -13.46
N ASN A 169 -12.54 -7.33 -14.34
CA ASN A 169 -11.42 -8.21 -14.10
C ASN A 169 -10.52 -7.61 -13.03
N VAL A 170 -10.22 -8.39 -11.99
CA VAL A 170 -9.47 -7.92 -10.83
C VAL A 170 -7.98 -8.03 -11.13
N PHE A 171 -7.20 -6.98 -10.79
CA PHE A 171 -5.75 -6.99 -11.03
C PHE A 171 -4.94 -6.72 -9.76
N MET A 172 -5.45 -5.89 -8.83
CA MET A 172 -4.68 -5.41 -7.68
C MET A 172 -5.45 -5.61 -6.37
N LEU A 173 -4.70 -6.04 -5.35
CA LEU A 173 -5.22 -6.25 -4.01
C LEU A 173 -4.21 -5.69 -2.99
N SER A 174 -4.63 -4.64 -2.25
CA SER A 174 -3.82 -4.06 -1.18
C SER A 174 -4.45 -4.32 0.18
N ILE A 175 -3.59 -4.71 1.12
CA ILE A 175 -3.98 -4.93 2.50
C ILE A 175 -3.03 -4.15 3.41
N VAL A 176 -3.59 -3.25 4.23
CA VAL A 176 -2.81 -2.46 5.16
C VAL A 176 -3.28 -2.76 6.58
N GLU A 177 -2.38 -3.31 7.40
CA GLU A 177 -2.68 -3.48 8.80
C GLU A 177 -1.74 -2.62 9.66
N HIS A 178 -2.34 -1.65 10.33
CA HIS A 178 -1.64 -0.74 11.21
C HIS A 178 -2.17 -0.95 12.62
N ARG A 179 -1.34 -1.49 13.50
CA ARG A 179 -1.82 -1.95 14.81
C ARG A 179 -0.78 -1.80 15.92
N PHE A 180 -1.13 -2.34 17.09
CA PHE A 180 -0.34 -2.28 18.30
C PHE A 180 0.68 -3.42 18.35
N PRO A 181 1.74 -3.31 19.14
CA PRO A 181 2.69 -4.40 19.30
C PRO A 181 2.03 -5.65 19.90
N PHE A 182 2.56 -6.81 19.52
CA PHE A 182 2.13 -8.10 20.04
C PHE A 182 1.96 -8.04 21.55
N LEU A 183 0.90 -8.68 22.01
CA LEU A 183 0.55 -8.59 23.42
C LEU A 183 1.40 -9.59 24.21
N HIS A 184 1.49 -9.35 25.52
CA HIS A 184 2.11 -10.30 26.45
C HIS A 184 1.27 -11.58 26.51
N LYS A 185 1.93 -12.75 26.48
CA LYS A 185 1.21 -14.00 26.50
C LYS A 185 1.80 -14.93 27.58
N VAL A 186 1.12 -16.06 27.82
CA VAL A 186 1.53 -17.03 28.81
C VAL A 186 2.89 -17.59 28.40
N ASP A 187 3.85 -17.56 29.36
CA ASP A 187 5.23 -17.98 29.17
C ASP A 187 5.92 -17.23 28.04
N ALA A 188 5.40 -16.05 27.70
CA ALA A 188 6.02 -15.21 26.69
C ALA A 188 6.30 -16.01 25.42
N TRP A 189 5.30 -16.81 24.96
CA TRP A 189 5.51 -17.75 23.87
C TRP A 189 5.63 -17.03 22.52
N ASN A 190 5.07 -15.83 22.38
CA ASN A 190 4.99 -15.16 21.08
C ASN A 190 6.08 -14.11 20.86
N ARG A 191 7.29 -14.30 21.40
CA ARG A 191 8.33 -13.27 21.32
C ARG A 191 9.50 -13.68 20.43
N PHE A 192 9.56 -14.95 20.02
CA PHE A 192 10.65 -15.41 19.17
C PHE A 192 10.11 -16.18 17.95
N ASN A 193 10.83 -16.05 16.82
CA ASN A 193 10.46 -16.67 15.56
C ASN A 193 10.37 -18.18 15.73
N GLU A 194 11.25 -18.77 16.56
CA GLU A 194 11.30 -20.22 16.76
C GLU A 194 9.96 -20.79 17.26
N ARG A 195 9.08 -19.99 17.87
CA ARG A 195 7.85 -20.51 18.43
C ARG A 195 6.64 -20.04 17.62
N THR A 196 6.80 -18.93 16.86
CA THR A 196 5.70 -18.26 16.19
C THR A 196 5.67 -18.59 14.70
N GLY A 197 6.83 -18.96 14.13
CA GLY A 197 7.03 -19.07 12.68
C GLY A 197 7.46 -17.74 12.06
N GLY A 198 7.61 -16.70 12.90
CA GLY A 198 7.88 -15.34 12.45
C GLY A 198 6.59 -14.54 12.26
N THR A 199 6.74 -13.22 12.30
CA THR A 199 5.61 -12.31 12.24
C THR A 199 4.76 -12.54 11.00
N LEU A 200 5.38 -12.84 9.83
CA LEU A 200 4.61 -12.93 8.60
C LEU A 200 3.86 -14.27 8.52
N VAL A 201 4.11 -15.16 9.47
CA VAL A 201 3.27 -16.33 9.63
C VAL A 201 2.23 -16.05 10.71
N GLU A 202 2.68 -15.71 11.92
CA GLU A 202 1.84 -15.54 13.09
C GLU A 202 0.71 -14.56 12.80
N LYS A 203 1.08 -13.36 12.33
CA LYS A 203 0.13 -12.29 12.17
C LYS A 203 -0.40 -12.26 10.73
N CYS A 204 0.39 -12.65 9.72
CA CYS A 204 0.05 -12.30 8.33
C CYS A 204 -0.49 -13.47 7.53
N CYS A 205 -0.56 -14.68 8.12
CA CYS A 205 -1.18 -15.80 7.44
C CYS A 205 -2.60 -15.41 7.02
N HIS A 206 -3.36 -14.76 7.91
CA HIS A 206 -4.69 -14.24 7.59
C HIS A 206 -4.72 -13.56 6.22
N PHE A 207 -3.69 -12.75 5.92
CA PHE A 207 -3.71 -11.85 4.77
C PHE A 207 -3.30 -12.59 3.49
N PHE A 208 -2.38 -13.53 3.64
CA PHE A 208 -1.96 -14.36 2.51
C PHE A 208 -3.13 -15.21 2.05
N ASP A 209 -3.92 -15.69 3.02
CA ASP A 209 -5.06 -16.53 2.73
C ASP A 209 -6.17 -15.68 2.08
N LEU A 210 -6.42 -14.47 2.56
CA LEU A 210 -7.38 -13.60 1.89
C LEU A 210 -6.95 -13.32 0.46
N MET A 211 -5.65 -13.23 0.21
CA MET A 211 -5.18 -12.95 -1.14
C MET A 211 -5.61 -14.09 -2.05
N ARG A 212 -5.32 -15.33 -1.65
CA ARG A 212 -5.74 -16.52 -2.41
C ARG A 212 -7.25 -16.54 -2.60
N LEU A 213 -8.01 -16.20 -1.56
CA LEU A 213 -9.46 -16.27 -1.61
C LEU A 213 -10.04 -15.23 -2.53
N ILE A 214 -9.61 -13.96 -2.33
CA ILE A 214 -10.16 -12.83 -3.08
C ILE A 214 -9.78 -12.93 -4.56
N LEU A 215 -8.53 -13.25 -4.88
CA LEU A 215 -8.06 -13.24 -6.26
C LEU A 215 -8.39 -14.55 -6.98
N GLN A 216 -8.77 -15.58 -6.22
CA GLN A 216 -9.13 -16.88 -6.76
C GLN A 216 -7.98 -17.38 -7.60
N ASP A 217 -6.77 -17.36 -7.03
CA ASP A 217 -5.58 -17.79 -7.74
C ASP A 217 -4.52 -18.27 -6.74
N GLU A 218 -3.42 -18.84 -7.27
CA GLU A 218 -2.31 -19.31 -6.45
C GLU A 218 -1.07 -18.42 -6.65
N PRO A 219 -0.28 -18.20 -5.58
CA PRO A 219 0.91 -17.34 -5.68
C PRO A 219 2.04 -18.05 -6.39
N THR A 220 2.89 -17.30 -7.11
CA THR A 220 4.07 -17.86 -7.76
C THR A 220 5.38 -17.31 -7.20
N ARG A 221 5.33 -16.11 -6.63
CA ARG A 221 6.54 -15.37 -6.26
C ARG A 221 6.20 -14.39 -5.15
N ILE A 222 7.07 -14.34 -4.14
CA ILE A 222 6.92 -13.41 -3.05
C ILE A 222 8.24 -12.69 -2.82
N TYR A 223 8.12 -11.38 -2.57
CA TYR A 223 9.23 -10.52 -2.17
C TYR A 223 8.77 -9.65 -1.01
N ALA A 224 9.67 -9.48 -0.06
CA ALA A 224 9.35 -8.66 1.10
C ALA A 224 10.58 -7.87 1.55
N SER A 225 10.30 -6.69 2.10
CA SER A 225 11.27 -5.91 2.83
C SER A 225 10.66 -5.63 4.19
N GLY A 226 11.41 -5.92 5.26
CA GLY A 226 10.96 -5.59 6.60
C GLY A 226 12.10 -5.66 7.62
N GLY A 227 11.79 -5.31 8.85
CA GLY A 227 12.78 -5.35 9.92
C GLY A 227 12.11 -5.33 11.29
N HIS A 228 12.97 -5.53 12.30
CA HIS A 228 12.62 -5.33 13.70
C HIS A 228 13.16 -3.96 14.09
N ASP A 229 12.28 -2.95 14.07
CA ASP A 229 12.77 -1.59 14.12
C ASP A 229 12.45 -0.90 15.44
N VAL A 230 11.37 -1.29 16.14
CA VAL A 230 10.78 -0.47 17.20
C VAL A 230 10.46 -1.25 18.48
N ASN A 231 9.91 -2.47 18.37
CA ASN A 231 9.13 -3.06 19.44
C ASN A 231 9.96 -3.96 20.35
N HIS A 232 9.50 -4.04 21.61
CA HIS A 232 9.96 -5.01 22.61
C HIS A 232 11.48 -4.92 22.84
N MET A 233 12.11 -3.74 22.65
CA MET A 233 13.57 -3.64 22.78
C MET A 233 13.99 -3.70 24.26
N ASP A 234 13.03 -3.45 25.16
CA ASP A 234 13.26 -3.32 26.58
C ASP A 234 12.81 -4.59 27.34
N GLU A 235 12.51 -5.67 26.59
CA GLU A 235 12.04 -6.92 27.19
C GLU A 235 13.11 -7.96 26.98
N LEU A 236 13.58 -8.56 28.09
CA LEU A 236 14.63 -9.56 28.01
C LEU A 236 14.08 -10.90 28.49
N TYR A 237 14.32 -11.93 27.67
CA TYR A 237 13.91 -13.30 27.96
C TYR A 237 15.21 -14.09 28.00
N GLU A 238 15.69 -14.34 29.23
CA GLU A 238 16.99 -14.97 29.46
C GLU A 238 18.06 -14.14 28.78
N GLY A 239 18.00 -12.81 28.97
CA GLY A 239 18.99 -11.90 28.41
C GLY A 239 18.90 -11.69 26.89
N ARG A 240 17.91 -12.31 26.22
CA ARG A 240 17.79 -12.25 24.77
C ARG A 240 16.65 -11.27 24.43
N VAL A 241 16.81 -10.51 23.34
CA VAL A 241 15.75 -9.62 22.89
C VAL A 241 14.97 -10.31 21.78
N SER A 242 13.64 -10.05 21.71
CA SER A 242 12.77 -10.59 20.67
C SER A 242 13.40 -10.40 19.30
N ASP A 243 13.26 -11.40 18.43
CA ASP A 243 13.90 -11.37 17.12
C ASP A 243 12.86 -11.21 16.00
N MET A 244 11.65 -10.78 16.35
CA MET A 244 10.55 -10.82 15.40
C MET A 244 10.40 -9.49 14.67
N ILE A 245 9.98 -9.57 13.42
CA ILE A 245 9.69 -8.41 12.59
C ILE A 245 8.54 -7.62 13.21
N ASP A 246 8.56 -6.28 13.05
CA ASP A 246 7.48 -5.41 13.52
C ASP A 246 6.96 -4.49 12.40
N ASN A 247 7.50 -4.59 11.18
CA ASN A 247 6.95 -3.86 10.03
C ASN A 247 7.47 -4.47 8.74
N ALA A 248 6.63 -4.49 7.70
CA ALA A 248 7.07 -5.04 6.42
C ALA A 248 6.19 -4.54 5.27
N TYR A 249 6.78 -4.61 4.07
CA TYR A 249 6.03 -4.54 2.82
C TYR A 249 6.25 -5.85 2.07
N VAL A 250 5.15 -6.46 1.58
CA VAL A 250 5.21 -7.72 0.87
C VAL A 250 4.45 -7.58 -0.46
N VAL A 251 5.08 -8.06 -1.53
CA VAL A 251 4.52 -8.02 -2.87
C VAL A 251 4.43 -9.45 -3.37
N VAL A 252 3.23 -9.87 -3.77
CA VAL A 252 2.97 -11.25 -4.13
C VAL A 252 2.42 -11.33 -5.56
N ASP A 253 3.05 -12.15 -6.41
CA ASP A 253 2.55 -12.38 -7.76
C ASP A 253 1.81 -13.72 -7.80
N PHE A 254 0.84 -13.83 -8.74
CA PHE A 254 -0.04 -14.96 -8.90
C PHE A 254 0.01 -15.49 -10.34
N LYS A 255 -0.46 -16.75 -10.51
CA LYS A 255 -0.35 -17.48 -11.77
C LYS A 255 -1.01 -16.69 -12.90
N SER A 256 -2.15 -16.05 -12.62
CA SER A 256 -2.96 -15.37 -13.62
C SER A 256 -2.37 -14.01 -14.02
N GLY A 257 -1.40 -13.46 -13.26
CA GLY A 257 -0.88 -12.12 -13.50
C GLY A 257 -1.45 -11.04 -12.57
N ARG A 258 -2.32 -11.43 -11.64
CA ARG A 258 -2.79 -10.55 -10.59
C ARG A 258 -1.69 -10.38 -9.56
N ARG A 259 -1.75 -9.25 -8.84
CA ARG A 259 -0.67 -8.89 -7.93
C ARG A 259 -1.30 -8.32 -6.67
N ALA A 260 -0.64 -8.59 -5.52
CA ALA A 260 -1.13 -8.14 -4.23
C ALA A 260 0.02 -7.56 -3.42
N MET A 261 -0.31 -6.69 -2.45
CA MET A 261 0.65 -6.03 -1.58
C MET A 261 0.10 -6.01 -0.15
N LEU A 262 0.94 -6.41 0.82
CA LEU A 262 0.63 -6.30 2.24
C LEU A 262 1.57 -5.28 2.86
N GLU A 263 0.99 -4.30 3.56
CA GLU A 263 1.72 -3.41 4.44
C GLU A 263 1.35 -3.76 5.89
N LEU A 264 2.38 -3.92 6.74
CA LEU A 264 2.20 -4.19 8.16
C LEU A 264 3.06 -3.25 8.98
N SER A 265 2.44 -2.56 9.95
CA SER A 265 3.19 -1.95 11.03
C SER A 265 2.60 -2.39 12.36
N MET A 266 3.46 -2.87 13.27
CA MET A 266 3.04 -3.23 14.62
C MET A 266 3.29 -2.06 15.60
N PHE A 267 3.48 -0.84 15.04
CA PHE A 267 3.70 0.36 15.85
C PHE A 267 2.91 1.53 15.25
N ALA A 268 1.68 1.23 14.84
CA ALA A 268 0.81 2.24 14.23
C ALA A 268 -0.58 2.17 14.84
N GLU A 269 -0.63 2.02 16.19
CA GLU A 269 -1.85 1.79 16.94
C GLU A 269 -2.68 3.06 17.07
N GLY A 270 -2.06 4.20 16.75
CA GLY A 270 -2.77 5.47 16.67
C GLY A 270 -3.77 5.53 15.53
N SER A 271 -3.69 4.60 14.56
CA SER A 271 -4.59 4.63 13.41
C SER A 271 -6.00 4.20 13.81
N LYS A 272 -6.97 5.07 13.50
CA LYS A 272 -8.35 4.85 13.87
C LYS A 272 -8.84 3.56 13.20
N PHE A 273 -8.49 3.36 11.95
CA PHE A 273 -8.82 2.13 11.24
C PHE A 273 -7.58 1.24 11.21
N GLN A 274 -7.74 0.02 11.73
CA GLN A 274 -6.62 -0.89 11.88
C GLN A 274 -6.36 -1.62 10.57
N GLU A 275 -7.39 -1.90 9.78
CA GLU A 275 -7.23 -2.60 8.51
C GLU A 275 -7.85 -1.77 7.39
N ARG A 276 -7.13 -1.68 6.28
CA ARG A 276 -7.65 -1.15 5.02
C ARG A 276 -7.41 -2.22 3.96
N ILE A 277 -8.47 -2.65 3.28
CA ILE A 277 -8.33 -3.57 2.16
C ILE A 277 -8.88 -2.87 0.92
N SER A 278 -8.10 -2.84 -0.17
CA SER A 278 -8.55 -2.21 -1.39
C SER A 278 -8.35 -3.15 -2.56
N ILE A 279 -9.32 -3.16 -3.50
CA ILE A 279 -9.25 -4.04 -4.66
C ILE A 279 -9.55 -3.23 -5.92
N VAL A 280 -8.69 -3.37 -6.94
CA VAL A 280 -8.84 -2.60 -8.17
C VAL A 280 -9.03 -3.56 -9.33
N GLY A 281 -10.17 -3.41 -10.02
CA GLY A 281 -10.41 -4.05 -11.30
C GLY A 281 -10.56 -3.02 -12.43
N ASP A 282 -10.76 -3.54 -13.64
CA ASP A 282 -10.81 -2.72 -14.84
C ASP A 282 -12.18 -2.06 -15.02
N ALA A 283 -13.14 -2.32 -14.11
CA ALA A 283 -14.39 -1.59 -14.12
C ALA A 283 -14.57 -0.75 -12.84
N ALA A 284 -13.96 -1.15 -11.73
CA ALA A 284 -14.24 -0.48 -10.47
C ALA A 284 -13.18 -0.80 -9.42
N LYS A 285 -13.18 0.06 -8.39
CA LYS A 285 -12.39 -0.13 -7.18
C LYS A 285 -13.34 -0.28 -6.01
N ILE A 286 -12.95 -1.11 -5.03
CA ILE A 286 -13.67 -1.20 -3.76
C ILE A 286 -12.66 -1.21 -2.61
N GLU A 287 -13.11 -0.70 -1.44
CA GLU A 287 -12.25 -0.59 -0.27
C GLU A 287 -13.07 -0.70 1.02
N CYS A 288 -12.46 -1.27 2.08
CA CYS A 288 -13.10 -1.27 3.39
C CYS A 288 -12.11 -0.77 4.44
N LEU A 289 -12.65 -0.15 5.49
CA LEU A 289 -11.86 0.30 6.63
C LEU A 289 -12.45 -0.32 7.89
N ILE A 290 -11.61 -1.05 8.64
CA ILE A 290 -12.04 -1.79 9.83
C ILE A 290 -11.52 -1.06 11.06
N PRO A 291 -12.43 -0.66 12.00
CA PRO A 291 -12.02 0.05 13.21
C PRO A 291 -11.23 -0.81 14.18
N VAL A 292 -10.43 -0.16 15.04
CA VAL A 292 -9.83 -0.85 16.17
C VAL A 292 -10.95 -1.42 17.06
N ALA A 293 -10.74 -2.62 17.58
CA ALA A 293 -11.68 -3.23 18.52
C ALA A 293 -11.83 -2.34 19.74
N ALA A 294 -13.06 -2.23 20.25
CA ALA A 294 -13.39 -1.34 21.35
C ALA A 294 -12.45 -1.52 22.55
N SER A 295 -12.14 -2.77 22.87
CA SER A 295 -11.31 -3.08 24.02
C SER A 295 -9.90 -2.51 23.86
N HIS A 296 -9.46 -2.19 22.62
CA HIS A 296 -8.13 -1.63 22.38
C HIS A 296 -8.12 -0.14 22.06
N TRP A 297 -9.29 0.51 21.96
CA TRP A 297 -9.42 1.91 21.61
C TRP A 297 -9.98 2.74 22.79
N ILE A 298 -10.03 4.07 22.62
CA ILE A 298 -10.61 5.01 23.58
C ILE A 298 -12.08 4.67 23.78
N GLU A 299 -12.54 4.71 25.05
CA GLU A 299 -13.93 4.39 25.37
C GLU A 299 -14.85 5.46 24.78
N GLY A 300 -15.91 5.02 24.11
CA GLY A 300 -16.91 5.91 23.53
C GLY A 300 -16.47 6.62 22.24
N ASP A 301 -15.30 6.25 21.67
CA ASP A 301 -14.87 6.82 20.40
C ASP A 301 -14.91 5.77 19.30
N GLU A 302 -15.97 4.95 19.33
CA GLU A 302 -16.10 3.80 18.45
C GLU A 302 -16.48 4.30 17.05
N SER A 303 -15.69 3.90 16.03
CA SER A 303 -16.06 4.10 14.64
C SER A 303 -16.72 2.82 14.11
N GLU A 304 -17.58 2.96 13.10
CA GLU A 304 -18.12 1.81 12.39
C GLU A 304 -17.27 1.53 11.14
N ALA A 305 -17.28 0.27 10.70
CA ALA A 305 -16.59 -0.11 9.48
C ALA A 305 -17.36 0.46 8.29
N VAL A 306 -16.60 0.88 7.26
CA VAL A 306 -17.16 1.46 6.05
C VAL A 306 -16.68 0.69 4.84
N VAL A 307 -17.52 0.69 3.80
CA VAL A 307 -17.17 0.14 2.50
C VAL A 307 -17.45 1.22 1.46
N GLU A 308 -16.48 1.42 0.55
CA GLU A 308 -16.57 2.43 -0.49
C GLU A 308 -16.42 1.74 -1.84
N PHE A 309 -17.44 1.86 -2.70
CA PHE A 309 -17.39 1.33 -4.06
C PHE A 309 -17.20 2.49 -5.03
N SER A 310 -16.18 2.40 -5.90
CA SER A 310 -15.75 3.53 -6.71
C SER A 310 -15.69 3.11 -8.17
N PRO A 311 -16.84 3.11 -8.91
CA PRO A 311 -16.85 2.77 -10.33
C PRO A 311 -16.01 3.79 -11.11
N ARG A 312 -15.43 3.34 -12.23
CA ARG A 312 -14.66 4.21 -13.13
C ARG A 312 -15.55 5.08 -14.02
N SER A 313 -16.69 4.55 -14.50
CA SER A 313 -17.21 5.00 -15.79
C SER A 313 -18.19 6.13 -15.58
N PRO A 314 -19.31 5.95 -14.86
CA PRO A 314 -20.02 7.09 -14.29
C PRO A 314 -19.36 7.39 -12.94
N LEU A 315 -18.56 8.46 -12.93
CA LEU A 315 -17.87 8.89 -11.72
C LEU A 315 -18.91 9.18 -10.65
N GLY A 316 -18.69 8.62 -9.46
CA GLY A 316 -19.65 8.73 -8.39
C GLY A 316 -19.47 7.61 -7.37
N PRO A 317 -18.52 7.74 -6.42
CA PRO A 317 -18.34 6.74 -5.39
C PRO A 317 -19.54 6.70 -4.44
N GLU A 318 -19.73 5.53 -3.82
CA GLU A 318 -20.78 5.27 -2.86
C GLU A 318 -20.14 4.69 -1.59
N THR A 319 -20.48 5.28 -0.43
CA THR A 319 -19.92 4.86 0.85
C THR A 319 -21.05 4.45 1.80
N HIS A 320 -20.92 3.30 2.49
CA HIS A 320 -21.92 2.86 3.46
C HIS A 320 -21.23 2.22 4.67
N GLU A 321 -21.88 2.33 5.83
CA GLU A 321 -21.43 1.65 7.04
C GLU A 321 -21.92 0.21 7.00
N VAL A 322 -21.11 -0.69 7.54
CA VAL A 322 -21.51 -2.08 7.59
C VAL A 322 -21.67 -2.44 9.06
N PRO A 323 -22.92 -2.45 9.57
CA PRO A 323 -23.17 -2.69 10.98
C PRO A 323 -22.93 -4.16 11.30
N VAL A 324 -22.56 -4.40 12.55
CA VAL A 324 -22.42 -5.73 13.11
C VAL A 324 -23.30 -5.81 14.34
N ASP A 325 -23.97 -6.94 14.54
CA ASP A 325 -24.78 -7.13 15.75
C ASP A 325 -23.94 -6.75 16.99
N GLU A 326 -24.58 -6.07 17.94
CA GLU A 326 -23.89 -5.53 19.12
C GLU A 326 -23.20 -6.65 19.91
N ALA A 327 -23.89 -7.78 20.10
CA ALA A 327 -23.41 -8.85 20.95
C ALA A 327 -22.29 -9.61 20.24
N VAL A 328 -22.47 -9.81 18.93
CA VAL A 328 -21.48 -10.48 18.10
C VAL A 328 -20.18 -9.70 18.10
N LEU A 329 -20.28 -8.36 18.00
CA LEU A 329 -19.12 -7.51 17.96
C LEU A 329 -18.41 -7.52 19.32
N ALA A 330 -19.16 -7.54 20.42
CA ALA A 330 -18.55 -7.38 21.74
C ALA A 330 -17.93 -8.71 22.22
N ALA A 331 -18.38 -9.83 21.66
CA ALA A 331 -17.87 -11.14 22.03
C ALA A 331 -16.41 -11.35 21.57
N GLY A 332 -15.85 -10.51 20.71
CA GLY A 332 -14.46 -10.71 20.31
C GLY A 332 -13.79 -9.43 19.81
N ALA A 333 -12.56 -9.56 19.31
CA ALA A 333 -11.75 -8.41 18.91
C ALA A 333 -11.42 -8.48 17.41
N HIS A 334 -12.20 -9.24 16.66
CA HIS A 334 -12.02 -9.46 15.24
C HIS A 334 -13.28 -9.09 14.47
N HIS A 335 -13.94 -8.00 14.88
CA HIS A 335 -15.09 -7.43 14.20
C HIS A 335 -16.15 -8.48 13.84
N GLY A 336 -16.53 -9.33 14.81
CA GLY A 336 -17.66 -10.23 14.69
C GLY A 336 -17.35 -11.54 13.96
N SER A 337 -16.11 -11.67 13.47
CA SER A 337 -15.78 -12.72 12.51
C SER A 337 -15.81 -14.11 13.17
N THR A 338 -15.41 -14.20 14.44
CA THR A 338 -15.26 -15.47 15.12
C THR A 338 -16.62 -16.16 15.27
N TYR A 339 -17.70 -15.38 15.41
CA TYR A 339 -19.05 -15.91 15.50
C TYR A 339 -19.40 -16.67 14.23
N TYR A 340 -19.21 -16.03 13.06
CA TYR A 340 -19.56 -16.61 11.78
C TYR A 340 -18.66 -17.80 11.47
N GLU A 341 -17.40 -17.77 11.96
CA GLU A 341 -16.51 -18.92 11.86
C GLU A 341 -17.13 -20.11 12.60
N HIS A 342 -17.67 -19.87 13.80
CA HIS A 342 -18.28 -20.93 14.59
C HIS A 342 -19.57 -21.46 13.94
N LEU A 343 -20.39 -20.60 13.31
CA LEU A 343 -21.56 -21.09 12.61
C LEU A 343 -21.14 -22.10 11.55
N GLY A 344 -20.08 -21.78 10.81
CA GLY A 344 -19.58 -22.65 9.75
C GLY A 344 -19.01 -23.95 10.29
N TYR A 345 -18.18 -23.88 11.34
CA TYR A 345 -17.60 -25.07 11.95
C TYR A 345 -18.70 -25.95 12.50
N ARG A 346 -19.71 -25.37 13.15
CA ARG A 346 -20.86 -26.13 13.63
C ARG A 346 -21.49 -26.94 12.49
N LYS A 347 -21.72 -26.30 11.34
CA LYS A 347 -22.32 -26.98 10.20
C LYS A 347 -21.41 -28.12 9.73
N ALA A 348 -20.09 -27.92 9.78
CA ALA A 348 -19.17 -28.95 9.35
C ALA A 348 -19.25 -30.15 10.30
N ILE A 349 -19.41 -29.90 11.60
CA ILE A 349 -19.51 -30.94 12.61
C ILE A 349 -20.76 -31.80 12.37
N LEU A 350 -21.85 -31.16 11.92
CA LEU A 350 -23.13 -31.82 11.69
C LEU A 350 -23.21 -32.49 10.31
N GLY A 351 -22.22 -32.26 9.44
CA GLY A 351 -22.27 -32.69 8.06
C GLY A 351 -23.33 -31.93 7.25
N GLU A 352 -23.62 -30.68 7.64
CA GLU A 352 -24.62 -29.87 6.96
C GLU A 352 -23.98 -28.72 6.18
N GLY A 353 -22.64 -28.72 6.09
CA GLY A 353 -21.89 -27.71 5.37
C GLY A 353 -20.43 -28.14 5.25
N PRO A 354 -19.65 -27.56 4.32
CA PRO A 354 -18.27 -27.97 4.10
C PRO A 354 -17.29 -27.18 5.00
N VAL A 355 -16.06 -27.68 5.09
CA VAL A 355 -14.97 -26.94 5.71
C VAL A 355 -14.53 -25.85 4.75
N GLU A 356 -14.70 -24.59 5.14
CA GLU A 356 -14.44 -23.48 4.21
C GLU A 356 -12.96 -23.09 4.26
N VAL A 357 -12.29 -23.28 5.41
CA VAL A 357 -10.86 -23.03 5.51
C VAL A 357 -10.16 -24.36 5.84
N THR A 358 -9.57 -24.96 4.82
CA THR A 358 -9.01 -26.31 4.90
C THR A 358 -7.57 -26.24 5.36
N VAL A 359 -7.03 -27.42 5.66
CA VAL A 359 -5.62 -27.58 5.95
C VAL A 359 -4.80 -27.09 4.76
N ALA A 360 -5.22 -27.42 3.54
CA ALA A 360 -4.56 -26.95 2.34
C ALA A 360 -4.42 -25.43 2.36
N ASP A 361 -5.50 -24.72 2.74
CA ASP A 361 -5.51 -23.26 2.84
C ASP A 361 -4.50 -22.80 3.91
N GLY A 362 -4.50 -23.50 5.03
CA GLY A 362 -3.56 -23.21 6.10
C GLY A 362 -2.11 -23.35 5.64
N LEU A 363 -1.79 -24.44 4.94
CA LEU A 363 -0.43 -24.74 4.51
C LEU A 363 0.08 -23.69 3.53
N GLN A 364 -0.76 -23.29 2.58
CA GLN A 364 -0.39 -22.28 1.61
C GLN A 364 -0.08 -20.97 2.33
N SER A 365 -0.89 -20.60 3.33
CA SER A 365 -0.73 -19.32 4.02
C SER A 365 0.60 -19.32 4.76
N VAL A 366 0.94 -20.46 5.36
CA VAL A 366 2.18 -20.63 6.11
C VAL A 366 3.37 -20.56 5.18
N ARG A 367 3.34 -21.34 4.09
CA ARG A 367 4.44 -21.35 3.14
C ARG A 367 4.66 -19.95 2.55
N MET A 368 3.57 -19.22 2.36
CA MET A 368 3.66 -17.87 1.84
C MET A 368 4.40 -17.01 2.84
N GLY A 369 4.01 -17.11 4.12
CA GLY A 369 4.60 -16.29 5.17
C GLY A 369 6.06 -16.64 5.40
N LEU A 370 6.35 -17.94 5.33
CA LEU A 370 7.71 -18.43 5.47
C LEU A 370 8.59 -17.89 4.34
N ALA A 371 8.04 -17.87 3.12
CA ALA A 371 8.78 -17.39 1.97
C ALA A 371 9.06 -15.90 2.11
N ALA A 372 8.06 -15.16 2.62
CA ALA A 372 8.22 -13.74 2.86
C ALA A 372 9.34 -13.46 3.89
N GLU A 373 9.40 -14.25 4.98
CA GLU A 373 10.42 -14.08 6.00
C GLU A 373 11.78 -14.37 5.40
N ARG A 374 11.87 -15.41 4.57
CA ARG A 374 13.14 -15.77 3.96
C ARG A 374 13.57 -14.64 3.02
N SER A 375 12.59 -14.05 2.29
CA SER A 375 12.89 -13.00 1.32
C SER A 375 13.55 -11.82 2.03
N ILE A 376 12.98 -11.44 3.18
CA ILE A 376 13.49 -10.34 3.95
C ILE A 376 14.94 -10.59 4.31
N ILE A 377 15.22 -11.83 4.76
CA ILE A 377 16.47 -12.13 5.41
C ILE A 377 17.55 -12.20 4.34
N GLU A 378 17.20 -12.71 3.16
CA GLU A 378 18.20 -13.00 2.14
C GLU A 378 18.22 -11.98 1.03
N GLY A 379 17.31 -10.99 1.07
CA GLY A 379 17.29 -9.88 0.13
C GLY A 379 16.98 -10.28 -1.31
N ARG A 380 16.08 -11.26 -1.49
CA ARG A 380 15.80 -11.85 -2.78
C ARG A 380 14.35 -12.33 -2.82
N PRO A 381 13.71 -12.38 -4.01
CA PRO A 381 12.37 -12.95 -4.13
C PRO A 381 12.45 -14.46 -3.98
N VAL A 382 11.33 -15.08 -3.56
CA VAL A 382 11.29 -16.51 -3.33
C VAL A 382 10.17 -17.10 -4.19
N GLU A 383 10.49 -18.12 -4.99
CA GLU A 383 9.48 -18.80 -5.84
C GLU A 383 8.63 -19.74 -4.98
N LEU A 384 7.34 -19.85 -5.30
CA LEU A 384 6.44 -20.79 -4.65
C LEU A 384 6.00 -21.88 -5.62
N LEU A 385 6.10 -23.15 -5.19
CA LEU A 385 5.73 -24.31 -6.00
C LEU A 385 4.40 -24.88 -5.49
N ALA B 21 9.75 48.39 -7.65
CA ALA B 21 10.41 47.65 -8.76
C ALA B 21 10.50 46.17 -8.39
N VAL B 22 9.57 45.36 -8.91
CA VAL B 22 9.49 43.96 -8.55
C VAL B 22 10.80 43.24 -8.90
N ARG B 23 11.26 43.42 -10.15
CA ARG B 23 12.24 42.56 -10.82
C ARG B 23 11.48 41.69 -11.82
N THR B 24 11.49 42.17 -13.07
CA THR B 24 10.79 41.50 -14.14
C THR B 24 11.67 40.36 -14.64
N ILE B 25 11.05 39.20 -14.88
CA ILE B 25 11.69 38.11 -15.62
C ILE B 25 10.94 37.89 -16.94
N ARG B 26 11.70 37.80 -18.02
CA ARG B 26 11.20 37.42 -19.33
C ARG B 26 11.38 35.91 -19.51
N TYR B 27 10.25 35.20 -19.62
CA TYR B 27 10.27 33.75 -19.75
C TYR B 27 10.12 33.35 -21.23
N GLY B 28 10.93 32.34 -21.63
CA GLY B 28 10.76 31.61 -22.87
C GLY B 28 10.26 30.19 -22.59
N LEU B 29 9.22 29.78 -23.32
CA LEU B 29 8.63 28.45 -23.20
C LEU B 29 9.00 27.64 -24.42
N ILE B 30 9.69 26.53 -24.20
CA ILE B 30 10.07 25.59 -25.24
C ILE B 30 9.14 24.40 -25.08
N GLY B 31 8.22 24.23 -26.03
CA GLY B 31 7.10 23.31 -25.85
C GLY B 31 5.87 24.12 -25.43
N ALA B 32 4.78 24.02 -26.20
CA ALA B 32 3.62 24.86 -26.00
C ALA B 32 2.36 24.01 -25.98
N GLY B 33 2.40 22.93 -25.20
CA GLY B 33 1.25 22.05 -25.07
C GLY B 33 0.54 22.20 -23.73
N HIS B 34 0.01 21.07 -23.25
CA HIS B 34 -0.91 21.03 -22.13
C HIS B 34 -0.22 21.58 -20.88
N MET B 35 0.99 21.09 -20.59
CA MET B 35 1.65 21.44 -19.34
C MET B 35 2.19 22.86 -19.44
N ALA B 36 2.62 23.25 -20.66
CA ALA B 36 3.05 24.62 -20.90
C ALA B 36 1.93 25.59 -20.53
N ARG B 37 0.69 25.23 -20.90
CA ARG B 37 -0.43 26.12 -20.61
C ARG B 37 -0.68 26.20 -19.10
N GLU B 38 -0.38 25.13 -18.36
CA GLU B 38 -0.45 25.19 -16.90
C GLU B 38 0.64 26.13 -16.37
N HIS B 39 1.87 26.03 -16.91
CA HIS B 39 2.93 26.96 -16.57
C HIS B 39 2.48 28.41 -16.77
N VAL B 40 1.80 28.65 -17.90
CA VAL B 40 1.31 29.98 -18.26
C VAL B 40 0.38 30.52 -17.17
N ARG B 41 -0.62 29.70 -16.78
CA ARG B 41 -1.64 30.13 -15.84
C ARG B 41 -1.04 30.41 -14.46
N ASN B 42 0.03 29.69 -14.11
CA ASN B 42 0.67 29.87 -12.82
C ASN B 42 1.55 31.13 -12.84
N LEU B 43 2.22 31.37 -13.97
CA LEU B 43 3.05 32.55 -14.11
C LEU B 43 2.19 33.81 -14.08
N ALA B 44 0.93 33.69 -14.51
CA ALA B 44 0.04 34.85 -14.54
C ALA B 44 -0.35 35.28 -13.11
N LEU B 45 -0.11 34.41 -12.11
CA LEU B 45 -0.44 34.73 -10.73
C LEU B 45 0.75 35.35 -10.00
N ILE B 46 1.90 35.48 -10.67
CA ILE B 46 3.11 35.94 -10.01
C ILE B 46 3.58 37.25 -10.63
N PRO B 47 3.43 38.38 -9.92
CA PRO B 47 3.87 39.66 -10.48
C PRO B 47 5.35 39.66 -10.83
N GLY B 48 5.67 40.32 -11.95
CA GLY B 48 7.03 40.33 -12.50
C GLY B 48 7.31 39.19 -13.49
N SER B 49 6.26 38.44 -13.84
CA SER B 49 6.38 37.31 -14.76
C SER B 49 5.90 37.70 -16.15
N LEU B 50 6.82 37.93 -17.10
CA LEU B 50 6.42 38.21 -18.48
C LEU B 50 6.91 37.12 -19.44
N ILE B 51 5.98 36.49 -20.15
CA ILE B 51 6.34 35.58 -21.23
C ILE B 51 6.55 36.41 -22.49
N THR B 52 7.70 36.24 -23.13
CA THR B 52 8.09 36.99 -24.32
C THR B 52 8.28 36.09 -25.55
N ALA B 53 8.56 34.78 -25.37
CA ALA B 53 8.93 33.89 -26.45
C ALA B 53 8.38 32.48 -26.20
N VAL B 54 7.81 31.86 -27.24
CA VAL B 54 7.28 30.52 -27.13
C VAL B 54 7.70 29.75 -28.38
N SER B 55 8.10 28.47 -28.22
CA SER B 55 8.55 27.64 -29.32
C SER B 55 7.81 26.32 -29.32
N ASP B 56 7.50 25.83 -30.53
CA ASP B 56 6.77 24.60 -30.72
C ASP B 56 6.70 24.32 -32.22
N PRO B 57 7.05 23.09 -32.65
CA PRO B 57 7.04 22.73 -34.07
C PRO B 57 5.63 22.57 -34.64
N GLN B 58 4.62 22.61 -33.78
CA GLN B 58 3.24 22.47 -34.19
C GLN B 58 2.53 23.79 -33.96
N PRO B 59 2.09 24.50 -35.03
CA PRO B 59 1.32 25.74 -34.90
C PRO B 59 -0.02 25.68 -34.20
N SER B 60 -0.71 24.52 -34.19
CA SER B 60 -1.96 24.38 -33.44
C SER B 60 -1.67 24.60 -31.95
N SER B 61 -0.56 24.05 -31.48
CA SER B 61 -0.17 24.17 -30.08
C SER B 61 0.13 25.63 -29.74
N LEU B 62 0.90 26.30 -30.62
CA LEU B 62 1.22 27.71 -30.46
C LEU B 62 -0.04 28.57 -30.42
N GLU B 63 -1.03 28.29 -31.27
CA GLU B 63 -2.23 29.10 -31.33
C GLU B 63 -2.97 29.02 -29.98
N GLU B 64 -3.15 27.80 -29.49
CA GLU B 64 -3.89 27.56 -28.27
C GLU B 64 -3.18 28.20 -27.06
N THR B 65 -1.83 28.15 -27.06
CA THR B 65 -1.03 28.61 -25.94
C THR B 65 -0.94 30.14 -25.93
N VAL B 66 -0.78 30.75 -27.11
CA VAL B 66 -0.80 32.20 -27.23
C VAL B 66 -2.13 32.74 -26.73
N ALA B 67 -3.22 32.04 -27.08
CA ALA B 67 -4.55 32.43 -26.65
C ALA B 67 -4.63 32.39 -25.12
N GLU B 68 -4.01 31.38 -24.51
CA GLU B 68 -4.00 31.23 -23.06
C GLU B 68 -3.16 32.33 -22.41
N ILE B 69 -2.03 32.71 -23.01
CA ILE B 69 -1.21 33.78 -22.48
C ILE B 69 -2.00 35.08 -22.51
N GLY B 70 -2.67 35.34 -23.65
CA GLY B 70 -3.65 36.43 -23.78
C GLY B 70 -3.01 37.81 -23.95
N TYR B 71 -1.76 37.86 -24.37
CA TYR B 71 -1.07 39.08 -24.76
C TYR B 71 -0.09 38.66 -25.84
N GLU B 72 0.50 39.63 -26.54
CA GLU B 72 1.34 39.29 -27.68
C GLU B 72 2.68 38.75 -27.17
N VAL B 73 3.19 37.76 -27.89
CA VAL B 73 4.52 37.21 -27.64
C VAL B 73 5.19 36.97 -29.00
N THR B 74 6.46 36.59 -29.00
CA THR B 74 7.09 36.14 -30.24
C THR B 74 7.14 34.60 -30.27
N THR B 75 6.69 34.01 -31.37
CA THR B 75 6.70 32.55 -31.48
C THR B 75 7.76 32.10 -32.48
N PHE B 76 8.25 30.88 -32.24
CA PHE B 76 9.27 30.26 -33.06
C PHE B 76 8.88 28.80 -33.25
N PRO B 77 9.12 28.18 -34.42
CA PRO B 77 8.96 26.74 -34.55
C PRO B 77 10.08 25.93 -33.91
N ASP B 78 11.28 26.52 -33.84
CA ASP B 78 12.46 25.83 -33.34
C ASP B 78 13.03 26.62 -32.15
N HIS B 79 13.46 25.89 -31.12
CA HIS B 79 13.98 26.47 -29.89
C HIS B 79 15.33 27.13 -30.10
N ARG B 80 16.10 26.66 -31.08
CA ARG B 80 17.41 27.19 -31.37
C ARG B 80 17.36 28.69 -31.70
N GLU B 81 16.30 29.14 -32.39
CA GLU B 81 16.16 30.55 -32.73
C GLU B 81 15.67 31.36 -31.52
N LEU B 82 14.83 30.74 -30.69
CA LEU B 82 14.40 31.33 -29.44
C LEU B 82 15.60 31.61 -28.54
N LEU B 83 16.55 30.67 -28.44
CA LEU B 83 17.69 30.81 -27.55
C LEU B 83 18.56 32.02 -27.88
N VAL B 84 18.64 32.41 -29.16
CA VAL B 84 19.49 33.52 -29.56
C VAL B 84 18.65 34.76 -29.91
N SER B 85 17.36 34.74 -29.58
CA SER B 85 16.45 35.81 -29.96
C SER B 85 16.76 37.11 -29.22
N GLY B 86 17.31 36.99 -28.02
CA GLY B 86 17.59 38.17 -27.22
C GLY B 86 16.39 38.56 -26.37
N LEU B 87 15.38 37.68 -26.28
CA LEU B 87 14.11 38.10 -25.72
C LEU B 87 13.91 37.58 -24.28
N VAL B 88 14.85 36.76 -23.76
CA VAL B 88 14.55 35.93 -22.61
C VAL B 88 15.63 35.99 -21.53
N ASP B 89 15.15 35.88 -20.27
CA ASP B 89 16.01 35.79 -19.11
C ASP B 89 16.04 34.37 -18.54
N ALA B 90 15.00 33.57 -18.81
CA ALA B 90 14.88 32.23 -18.24
C ALA B 90 14.00 31.35 -19.13
N LEU B 91 14.21 30.02 -19.04
CA LEU B 91 13.53 29.08 -19.89
C LEU B 91 12.66 28.14 -19.07
N VAL B 92 11.59 27.67 -19.73
CA VAL B 92 10.79 26.54 -19.29
C VAL B 92 10.67 25.56 -20.45
N ILE B 93 10.95 24.27 -20.19
CA ILE B 93 10.88 23.23 -21.20
C ILE B 93 9.71 22.32 -20.86
N ALA B 94 8.77 22.17 -21.80
CA ALA B 94 7.60 21.32 -21.61
C ALA B 94 7.31 20.58 -22.92
N SER B 95 8.35 19.93 -23.43
CA SER B 95 8.32 19.17 -24.65
C SER B 95 8.25 17.68 -24.30
N PRO B 96 8.02 16.78 -25.25
CA PRO B 96 7.97 15.34 -24.94
C PRO B 96 9.26 14.88 -24.27
N ASN B 97 9.14 13.90 -23.37
CA ASN B 97 10.20 13.47 -22.49
C ASN B 97 11.53 13.21 -23.22
N ASP B 98 11.47 12.62 -24.43
CA ASP B 98 12.68 12.12 -25.09
C ASP B 98 13.41 13.24 -25.84
N THR B 99 12.90 14.47 -25.71
CA THR B 99 13.48 15.65 -26.34
C THR B 99 14.21 16.51 -25.31
N HIS B 100 14.05 16.20 -24.03
CA HIS B 100 14.59 17.05 -22.99
C HIS B 100 16.11 17.19 -23.14
N LEU B 101 16.84 16.07 -23.19
CA LEU B 101 18.31 16.15 -23.21
C LEU B 101 18.80 16.97 -24.40
N ASP B 102 18.20 16.81 -25.58
CA ASP B 102 18.65 17.50 -26.79
C ASP B 102 18.49 19.02 -26.66
N ILE B 103 17.41 19.46 -26.00
CA ILE B 103 17.16 20.88 -25.84
C ILE B 103 18.11 21.44 -24.78
N LEU B 104 18.31 20.67 -23.71
CA LEU B 104 19.27 21.04 -22.69
C LEU B 104 20.68 21.18 -23.28
N LYS B 105 21.09 20.28 -24.19
CA LYS B 105 22.41 20.37 -24.80
C LYS B 105 22.58 21.67 -25.59
N ASP B 106 21.51 22.09 -26.28
CA ASP B 106 21.54 23.34 -27.04
C ASP B 106 21.60 24.53 -26.10
N ILE B 107 20.88 24.46 -24.97
CA ILE B 107 20.94 25.49 -23.94
C ILE B 107 22.36 25.56 -23.34
N PHE B 108 22.95 24.39 -23.08
CA PHE B 108 24.25 24.29 -22.42
C PHE B 108 25.38 24.87 -23.29
N SER B 109 25.24 24.80 -24.63
CA SER B 109 26.28 25.24 -25.55
C SER B 109 25.97 26.63 -26.11
N ASN B 110 24.86 27.24 -25.71
CA ASN B 110 24.47 28.58 -26.14
C ASN B 110 25.41 29.61 -25.52
N GLN B 111 25.66 30.73 -26.21
CA GLN B 111 26.57 31.75 -25.71
C GLN B 111 25.96 32.37 -24.45
N MET B 112 24.67 32.71 -24.50
CA MET B 112 23.94 33.22 -23.34
C MET B 112 23.45 32.05 -22.50
N LYS B 113 24.09 31.83 -21.34
CA LYS B 113 23.75 30.72 -20.46
C LYS B 113 22.53 31.14 -19.62
N LEU B 114 21.39 30.47 -19.84
CA LEU B 114 20.13 30.84 -19.23
C LEU B 114 19.67 29.80 -18.23
N PRO B 115 19.05 30.20 -17.10
CA PRO B 115 18.36 29.26 -16.22
C PRO B 115 17.27 28.47 -16.94
N VAL B 116 17.07 27.23 -16.49
CA VAL B 116 16.11 26.29 -17.07
C VAL B 116 15.27 25.65 -15.98
N LEU B 117 13.96 25.65 -16.22
CA LEU B 117 13.06 24.77 -15.50
C LEU B 117 12.65 23.67 -16.49
N VAL B 118 13.26 22.49 -16.36
CA VAL B 118 13.02 21.43 -17.32
C VAL B 118 12.05 20.43 -16.70
N GLU B 119 11.01 20.09 -17.49
CA GLU B 119 9.95 19.23 -17.01
C GLU B 119 10.50 17.81 -16.81
N LYS B 120 9.85 17.10 -15.88
CA LYS B 120 10.15 15.70 -15.65
C LYS B 120 9.65 14.87 -16.83
N PRO B 121 10.17 13.66 -17.04
CA PRO B 121 11.42 13.21 -16.44
C PRO B 121 12.55 13.99 -17.13
N VAL B 122 13.63 14.24 -16.42
CA VAL B 122 14.67 15.07 -16.99
C VAL B 122 15.27 14.32 -18.19
N CYS B 123 15.27 12.99 -18.17
CA CYS B 123 15.68 12.22 -19.34
C CYS B 123 15.02 10.83 -19.30
N THR B 124 15.24 9.99 -20.32
CA THR B 124 14.40 8.81 -20.53
C THR B 124 15.16 7.48 -20.50
N THR B 125 16.49 7.52 -20.49
CA THR B 125 17.29 6.31 -20.55
C THR B 125 18.56 6.50 -19.72
N ALA B 126 19.22 5.38 -19.44
CA ALA B 126 20.45 5.38 -18.67
C ALA B 126 21.58 6.03 -19.47
N ALA B 127 21.62 5.84 -20.79
CA ALA B 127 22.62 6.51 -21.61
C ALA B 127 22.45 8.03 -21.56
N GLN B 128 21.20 8.49 -21.62
CA GLN B 128 20.92 9.90 -21.54
C GLN B 128 21.35 10.46 -20.18
N ALA B 129 21.12 9.69 -19.12
CA ALA B 129 21.41 10.15 -17.76
C ALA B 129 22.92 10.27 -17.52
N ASP B 130 23.69 9.31 -18.05
CA ASP B 130 25.15 9.33 -17.95
C ASP B 130 25.68 10.58 -18.62
N GLU B 131 25.15 10.88 -19.81
CA GLU B 131 25.58 12.04 -20.58
C GLU B 131 25.14 13.34 -19.89
N LEU B 132 23.90 13.40 -19.38
CA LEU B 132 23.37 14.61 -18.74
C LEU B 132 24.19 14.94 -17.50
N GLU B 133 24.53 13.92 -16.72
CA GLU B 133 25.30 14.10 -15.50
C GLU B 133 26.60 14.87 -15.75
N SER B 134 27.38 14.50 -16.77
CA SER B 134 28.65 15.19 -17.05
C SER B 134 28.38 16.58 -17.61
N LEU B 135 27.40 16.73 -18.50
CA LEU B 135 27.15 18.01 -19.15
C LEU B 135 26.61 19.04 -18.17
N ALA B 136 25.78 18.63 -17.20
CA ALA B 136 25.10 19.57 -16.31
C ALA B 136 26.04 20.10 -15.24
N ALA B 137 27.01 19.30 -14.82
CA ALA B 137 28.00 19.73 -13.86
C ALA B 137 28.85 20.86 -14.43
N GLY B 138 29.04 20.88 -15.76
CA GLY B 138 29.78 21.95 -16.45
C GLY B 138 28.94 23.19 -16.83
N TYR B 139 27.64 23.25 -16.47
CA TYR B 139 26.80 24.39 -16.82
C TYR B 139 26.64 25.30 -15.61
N SER B 140 26.83 26.61 -15.82
CA SER B 140 26.96 27.59 -14.76
C SER B 140 25.61 28.11 -14.26
N ALA B 141 24.55 28.02 -15.07
CA ALA B 141 23.27 28.62 -14.73
C ALA B 141 22.34 27.59 -14.11
N PRO B 142 21.36 28.03 -13.30
CA PRO B 142 20.46 27.12 -12.60
C PRO B 142 19.69 26.19 -13.52
N VAL B 143 19.68 24.89 -13.19
CA VAL B 143 18.83 23.92 -13.85
C VAL B 143 17.94 23.24 -12.81
N TRP B 144 16.65 23.55 -12.87
CA TRP B 144 15.63 23.01 -11.98
C TRP B 144 14.81 21.95 -12.71
N VAL B 145 14.65 20.76 -12.10
CA VAL B 145 13.81 19.73 -12.67
C VAL B 145 12.42 19.86 -12.06
N ALA B 146 11.39 19.97 -12.90
CA ALA B 146 10.09 20.45 -12.45
C ALA B 146 9.22 19.34 -11.87
N MET B 147 9.72 18.72 -10.79
CA MET B 147 8.94 17.79 -9.97
C MET B 147 8.37 18.57 -8.79
N GLU B 148 7.08 18.91 -8.87
CA GLU B 148 6.47 19.96 -8.05
C GLU B 148 5.63 19.43 -6.88
N TYR B 149 5.47 18.10 -6.77
CA TYR B 149 4.48 17.51 -5.87
C TYR B 149 4.77 17.89 -4.42
N ARG B 150 6.05 18.10 -4.10
CA ARG B 150 6.40 18.47 -2.74
C ARG B 150 5.71 19.77 -2.33
N TYR B 151 5.32 20.60 -3.31
CA TYR B 151 4.77 21.91 -3.02
C TYR B 151 3.24 21.83 -2.87
N MET B 152 2.63 20.68 -3.11
CA MET B 152 1.21 20.52 -2.78
C MET B 152 1.07 20.79 -1.28
N PRO B 153 0.20 21.73 -0.82
CA PRO B 153 0.19 22.08 0.62
C PRO B 153 0.01 20.89 1.57
N PRO B 154 -0.85 19.90 1.29
CA PRO B 154 -0.92 18.75 2.17
C PRO B 154 0.35 17.92 2.23
N VAL B 155 1.05 17.73 1.10
CA VAL B 155 2.31 16.98 1.09
C VAL B 155 3.38 17.72 1.90
N GLN B 156 3.38 19.07 1.82
CA GLN B 156 4.34 19.92 2.49
C GLN B 156 4.17 19.78 4.01
N GLU B 157 2.92 19.67 4.48
CA GLU B 157 2.67 19.40 5.90
C GLU B 157 3.26 18.05 6.33
N LEU B 158 3.09 17.01 5.51
CA LEU B 158 3.69 15.71 5.81
C LEU B 158 5.21 15.80 5.83
N ILE B 159 5.81 16.58 4.93
CA ILE B 159 7.27 16.66 4.89
C ILE B 159 7.77 17.31 6.19
N GLN B 160 7.11 18.39 6.60
CA GLN B 160 7.52 19.13 7.78
C GLN B 160 7.34 18.28 9.03
N ALA B 161 6.28 17.47 9.07
CA ALA B 161 6.03 16.61 10.23
C ALA B 161 7.12 15.54 10.34
N ALA B 162 7.46 14.90 9.20
CA ALA B 162 8.50 13.89 9.17
C ALA B 162 9.88 14.47 9.52
N HIS B 163 10.30 15.54 8.81
CA HIS B 163 11.61 16.17 9.05
C HIS B 163 11.70 16.77 10.46
N GLY B 164 10.56 17.29 10.98
CA GLY B 164 10.53 18.03 12.23
C GLY B 164 10.44 17.12 13.46
N GLY B 165 10.36 15.80 13.27
CA GLY B 165 10.42 14.86 14.38
C GLY B 165 9.05 14.53 14.97
N LYS B 166 7.95 15.04 14.36
CA LYS B 166 6.61 14.89 14.91
C LYS B 166 6.16 13.42 14.89
N LEU B 167 6.89 12.56 14.17
CA LEU B 167 6.54 11.15 14.05
C LEU B 167 7.56 10.27 14.76
N GLY B 168 8.52 10.89 15.48
CA GLY B 168 9.65 10.15 16.01
C GLY B 168 10.54 9.69 14.84
N ASN B 169 11.21 8.53 15.00
CA ASN B 169 12.05 8.01 13.93
C ASN B 169 11.15 7.42 12.85
N VAL B 170 11.38 7.83 11.61
CA VAL B 170 10.56 7.45 10.47
C VAL B 170 11.05 6.11 9.93
N PHE B 171 10.13 5.19 9.62
CA PHE B 171 10.47 3.86 9.12
C PHE B 171 9.79 3.53 7.78
N MET B 172 8.54 4.01 7.57
CA MET B 172 7.73 3.56 6.45
C MET B 172 7.11 4.76 5.72
N LEU B 173 7.13 4.67 4.38
CA LEU B 173 6.43 5.60 3.50
C LEU B 173 5.66 4.84 2.43
N SER B 174 4.32 4.99 2.47
CA SER B 174 3.43 4.49 1.43
C SER B 174 2.86 5.61 0.57
N ILE B 175 2.89 5.39 -0.75
CA ILE B 175 2.33 6.30 -1.73
C ILE B 175 1.40 5.52 -2.65
N VAL B 176 0.13 5.92 -2.70
CA VAL B 176 -0.85 5.27 -3.54
C VAL B 176 -1.39 6.30 -4.53
N GLU B 177 -1.24 6.01 -5.82
CA GLU B 177 -1.76 6.88 -6.86
C GLU B 177 -2.79 6.07 -7.67
N HIS B 178 -4.06 6.47 -7.58
CA HIS B 178 -5.14 5.79 -8.27
C HIS B 178 -5.80 6.82 -9.18
N ARG B 179 -5.66 6.63 -10.50
CA ARG B 179 -5.99 7.69 -11.44
C ARG B 179 -6.47 7.13 -12.78
N PHE B 180 -6.68 8.06 -13.74
CA PHE B 180 -7.22 7.78 -15.07
C PHE B 180 -6.07 7.38 -16.00
N PRO B 181 -6.38 6.72 -17.13
CA PRO B 181 -5.35 6.40 -18.13
C PRO B 181 -4.70 7.67 -18.69
N PHE B 182 -3.44 7.55 -19.08
CA PHE B 182 -2.70 8.60 -19.72
C PHE B 182 -3.55 9.27 -20.80
N LEU B 183 -3.43 10.59 -20.87
CA LEU B 183 -4.28 11.35 -21.79
C LEU B 183 -3.70 11.27 -23.22
N HIS B 184 -4.57 11.54 -24.20
CA HIS B 184 -4.16 11.73 -25.58
C HIS B 184 -3.28 12.98 -25.68
N LYS B 185 -2.19 12.86 -26.43
CA LYS B 185 -1.25 13.98 -26.51
C LYS B 185 -0.89 14.21 -27.98
N VAL B 186 -0.17 15.31 -28.22
CA VAL B 186 0.23 15.69 -29.56
C VAL B 186 1.16 14.62 -30.12
N ASP B 187 0.83 14.13 -31.33
CA ASP B 187 1.55 13.06 -32.03
C ASP B 187 1.57 11.76 -31.22
N ALA B 188 0.62 11.63 -30.28
CA ALA B 188 0.53 10.43 -29.46
C ALA B 188 1.89 10.06 -28.87
N TRP B 189 2.64 11.06 -28.33
CA TRP B 189 4.04 10.86 -27.94
C TRP B 189 4.18 9.98 -26.69
N ASN B 190 3.15 9.91 -25.85
CA ASN B 190 3.25 9.27 -24.55
C ASN B 190 2.70 7.84 -24.54
N ARG B 191 2.79 7.09 -25.65
CA ARG B 191 2.17 5.76 -25.72
C ARG B 191 3.21 4.64 -25.73
N PHE B 192 4.50 4.94 -25.96
CA PHE B 192 5.50 3.88 -26.03
C PHE B 192 6.69 4.18 -25.13
N ASN B 193 7.28 3.11 -24.56
CA ASN B 193 8.41 3.20 -23.63
C ASN B 193 9.57 3.96 -24.28
N GLU B 194 9.79 3.76 -25.57
CA GLU B 194 10.91 4.38 -26.27
C GLU B 194 10.84 5.91 -26.27
N ARG B 195 9.68 6.52 -26.03
CA ARG B 195 9.59 7.99 -26.02
C ARG B 195 9.41 8.54 -24.61
N THR B 196 8.95 7.69 -23.66
CA THR B 196 8.54 8.13 -22.33
C THR B 196 9.58 7.75 -21.28
N GLY B 197 10.36 6.70 -21.55
CA GLY B 197 11.22 6.04 -20.58
C GLY B 197 10.49 4.94 -19.79
N GLY B 198 9.22 4.70 -20.13
CA GLY B 198 8.37 3.79 -19.38
C GLY B 198 7.58 4.48 -18.27
N THR B 199 6.46 3.87 -17.87
CA THR B 199 5.54 4.47 -16.90
C THR B 199 6.24 4.81 -15.58
N LEU B 200 7.17 3.96 -15.12
CA LEU B 200 7.80 4.18 -13.82
C LEU B 200 8.78 5.35 -13.86
N VAL B 201 9.10 5.83 -15.06
CA VAL B 201 9.87 7.05 -15.20
C VAL B 201 8.93 8.23 -15.41
N GLU B 202 8.13 8.15 -16.50
CA GLU B 202 7.21 9.20 -16.91
C GLU B 202 6.33 9.66 -15.75
N LYS B 203 5.62 8.72 -15.13
CA LYS B 203 4.61 9.02 -14.13
C LYS B 203 5.24 8.97 -12.73
N CYS B 204 6.21 8.09 -12.47
CA CYS B 204 6.56 7.75 -11.09
C CYS B 204 7.86 8.38 -10.59
N CYS B 205 8.56 9.14 -11.45
CA CYS B 205 9.70 9.89 -11.00
C CYS B 205 9.30 10.78 -9.82
N HIS B 206 8.13 11.44 -9.90
CA HIS B 206 7.63 12.28 -8.82
C HIS B 206 7.75 11.56 -7.46
N PHE B 207 7.40 10.27 -7.46
CA PHE B 207 7.20 9.52 -6.21
C PHE B 207 8.53 9.01 -5.66
N PHE B 208 9.44 8.64 -6.56
CA PHE B 208 10.77 8.24 -6.18
C PHE B 208 11.50 9.40 -5.54
N ASP B 209 11.29 10.60 -6.09
CA ASP B 209 11.92 11.79 -5.59
C ASP B 209 11.32 12.17 -4.23
N LEU B 210 10.00 12.07 -4.07
CA LEU B 210 9.40 12.33 -2.76
C LEU B 210 9.92 11.34 -1.72
N MET B 211 10.23 10.12 -2.13
CA MET B 211 10.74 9.14 -1.21
C MET B 211 12.07 9.62 -0.66
N ARG B 212 12.99 10.01 -1.55
CA ARG B 212 14.29 10.54 -1.13
C ARG B 212 14.13 11.77 -0.23
N LEU B 213 13.18 12.66 -0.57
CA LEU B 213 13.01 13.89 0.18
C LEU B 213 12.44 13.61 1.57
N ILE B 214 11.36 12.83 1.63
CA ILE B 214 10.67 12.58 2.90
C ILE B 214 11.54 11.77 3.86
N LEU B 215 12.21 10.73 3.36
CA LEU B 215 12.96 9.83 4.21
C LEU B 215 14.37 10.38 4.50
N GLN B 216 14.79 11.39 3.75
CA GLN B 216 16.11 11.99 3.90
C GLN B 216 17.17 10.92 3.79
N ASP B 217 17.10 10.12 2.73
CA ASP B 217 17.99 8.99 2.54
C ASP B 217 18.09 8.64 1.06
N GLU B 218 19.03 7.72 0.74
CA GLU B 218 19.29 7.27 -0.61
C GLU B 218 18.84 5.82 -0.76
N PRO B 219 18.31 5.43 -1.94
CA PRO B 219 17.86 4.07 -2.15
C PRO B 219 19.05 3.14 -2.35
N THR B 220 18.91 1.88 -1.92
CA THR B 220 19.92 0.85 -2.14
C THR B 220 19.40 -0.29 -3.02
N ARG B 221 18.08 -0.48 -3.07
CA ARG B 221 17.51 -1.65 -3.72
C ARG B 221 16.06 -1.33 -4.09
N ILE B 222 15.66 -1.71 -5.30
CA ILE B 222 14.31 -1.48 -5.76
C ILE B 222 13.79 -2.75 -6.42
N TYR B 223 12.51 -3.04 -6.14
CA TYR B 223 11.80 -4.19 -6.67
C TYR B 223 10.41 -3.76 -7.08
N ALA B 224 9.94 -4.30 -8.20
CA ALA B 224 8.63 -3.96 -8.70
C ALA B 224 7.98 -5.17 -9.37
N SER B 225 6.65 -5.19 -9.28
CA SER B 225 5.80 -6.05 -10.05
C SER B 225 4.81 -5.14 -10.77
N GLY B 226 4.70 -5.28 -12.07
CA GLY B 226 3.74 -4.51 -12.83
C GLY B 226 3.42 -5.18 -14.17
N GLY B 227 2.37 -4.67 -14.81
CA GLY B 227 2.06 -5.10 -16.17
C GLY B 227 1.24 -4.05 -16.90
N HIS B 228 1.07 -4.30 -18.21
CA HIS B 228 0.10 -3.60 -19.04
C HIS B 228 -1.15 -4.46 -19.12
N ASP B 229 -2.17 -4.14 -18.32
CA ASP B 229 -3.25 -5.08 -18.11
C ASP B 229 -4.58 -4.63 -18.70
N VAL B 230 -4.78 -3.31 -18.87
CA VAL B 230 -6.13 -2.76 -19.08
C VAL B 230 -6.18 -1.73 -20.21
N ASN B 231 -5.19 -0.82 -20.29
CA ASN B 231 -5.40 0.46 -20.97
C ASN B 231 -4.93 0.45 -22.42
N HIS B 232 -5.60 1.30 -23.23
CA HIS B 232 -5.17 1.67 -24.58
C HIS B 232 -5.10 0.46 -25.50
N MET B 233 -5.91 -0.58 -25.24
CA MET B 233 -5.87 -1.79 -26.03
C MET B 233 -6.57 -1.60 -27.39
N ASP B 234 -7.34 -0.52 -27.54
CA ASP B 234 -8.12 -0.24 -28.74
C ASP B 234 -7.50 0.92 -29.54
N GLU B 235 -6.28 1.36 -29.19
CA GLU B 235 -5.62 2.46 -29.88
C GLU B 235 -4.45 1.89 -30.69
N LEU B 236 -4.52 1.92 -32.03
CA LEU B 236 -3.61 1.15 -32.84
C LEU B 236 -2.70 2.07 -33.67
N TYR B 237 -1.40 1.77 -33.68
CA TYR B 237 -0.41 2.44 -34.51
C TYR B 237 0.20 1.37 -35.41
N GLU B 238 -0.35 1.23 -36.62
CA GLU B 238 0.07 0.20 -37.56
C GLU B 238 -0.10 -1.17 -36.88
N GLY B 239 -1.25 -1.36 -36.23
CA GLY B 239 -1.57 -2.62 -35.57
C GLY B 239 -0.82 -2.88 -34.27
N ARG B 240 0.00 -1.92 -33.80
CA ARG B 240 0.75 -2.05 -32.56
C ARG B 240 0.00 -1.30 -31.46
N VAL B 241 -0.08 -1.89 -30.27
CA VAL B 241 -0.66 -1.17 -29.14
C VAL B 241 0.48 -0.68 -28.26
N SER B 242 0.14 0.32 -27.42
CA SER B 242 0.99 0.86 -26.36
C SER B 242 1.64 -0.28 -25.58
N ASP B 243 2.92 -0.10 -25.21
CA ASP B 243 3.66 -1.13 -24.49
C ASP B 243 3.92 -0.69 -23.04
N MET B 244 3.21 0.31 -22.55
CA MET B 244 3.54 0.90 -21.26
C MET B 244 2.71 0.27 -20.15
N ILE B 245 3.33 0.18 -18.98
CA ILE B 245 2.74 -0.37 -17.75
C ILE B 245 1.55 0.51 -17.37
N ASP B 246 0.48 -0.11 -16.83
CA ASP B 246 -0.68 0.63 -16.34
C ASP B 246 -0.98 0.35 -14.85
N ASN B 247 -0.20 -0.52 -14.21
CA ASN B 247 -0.35 -0.72 -12.76
C ASN B 247 0.89 -1.42 -12.21
N ALA B 248 1.25 -1.08 -10.96
CA ALA B 248 2.48 -1.61 -10.40
C ALA B 248 2.50 -1.44 -8.89
N TYR B 249 3.23 -2.35 -8.24
CA TYR B 249 3.67 -2.22 -6.87
C TYR B 249 5.19 -2.15 -6.88
N VAL B 250 5.74 -1.14 -6.19
CA VAL B 250 7.19 -0.96 -6.08
C VAL B 250 7.57 -0.80 -4.61
N VAL B 251 8.63 -1.53 -4.22
CA VAL B 251 9.17 -1.55 -2.87
C VAL B 251 10.63 -1.10 -2.94
N VAL B 252 10.97 -0.07 -2.16
CA VAL B 252 12.29 0.55 -2.23
C VAL B 252 12.94 0.53 -0.85
N ASP B 253 14.17 0.01 -0.78
CA ASP B 253 14.94 0.03 0.46
C ASP B 253 15.97 1.16 0.38
N PHE B 254 16.34 1.66 1.56
CA PHE B 254 17.19 2.84 1.72
C PHE B 254 18.34 2.51 2.67
N LYS B 255 19.42 3.29 2.56
CA LYS B 255 20.70 3.05 3.23
C LYS B 255 20.49 2.87 4.74
N SER B 256 19.62 3.69 5.33
CA SER B 256 19.40 3.74 6.78
C SER B 256 18.55 2.56 7.30
N GLY B 257 17.94 1.76 6.40
CA GLY B 257 16.98 0.73 6.78
C GLY B 257 15.51 1.12 6.57
N ARG B 258 15.23 2.36 6.13
CA ARG B 258 13.86 2.80 5.90
C ARG B 258 13.36 2.17 4.61
N ARG B 259 12.04 2.05 4.50
CA ARG B 259 11.46 1.32 3.41
C ARG B 259 10.22 2.08 2.94
N ALA B 260 9.98 2.02 1.62
CA ALA B 260 8.89 2.74 0.99
C ALA B 260 8.20 1.82 -0.01
N MET B 261 6.90 2.08 -0.24
CA MET B 261 6.10 1.31 -1.19
C MET B 261 5.25 2.30 -2.01
N LEU B 262 5.26 2.13 -3.34
CA LEU B 262 4.44 2.89 -4.27
C LEU B 262 3.46 1.89 -4.89
N GLU B 263 2.17 2.24 -4.81
CA GLU B 263 1.13 1.57 -5.58
C GLU B 263 0.63 2.53 -6.66
N LEU B 264 0.56 2.04 -7.91
CA LEU B 264 0.04 2.82 -9.03
C LEU B 264 -1.01 2.03 -9.80
N SER B 265 -2.20 2.62 -9.98
CA SER B 265 -3.14 2.12 -10.97
C SER B 265 -3.52 3.27 -11.90
N MET B 266 -3.44 3.01 -13.20
CA MET B 266 -3.88 3.98 -14.21
C MET B 266 -5.32 3.67 -14.66
N PHE B 267 -6.05 2.84 -13.91
CA PHE B 267 -7.42 2.49 -14.22
C PHE B 267 -8.28 2.50 -12.94
N ALA B 268 -8.05 3.51 -12.10
CA ALA B 268 -8.76 3.63 -10.83
C ALA B 268 -9.25 5.06 -10.62
N GLU B 269 -9.79 5.67 -11.69
CA GLU B 269 -10.20 7.07 -11.72
C GLU B 269 -11.52 7.26 -10.99
N GLY B 270 -12.21 6.16 -10.66
CA GLY B 270 -13.37 6.21 -9.77
C GLY B 270 -13.05 6.70 -8.35
N SER B 271 -11.78 6.66 -7.92
CA SER B 271 -11.42 7.03 -6.56
CA SER B 271 -11.42 7.03 -6.56
C SER B 271 -11.52 8.55 -6.35
N LYS B 272 -12.29 8.95 -5.34
CA LYS B 272 -12.49 10.34 -4.98
C LYS B 272 -11.12 10.97 -4.67
N PHE B 273 -10.29 10.25 -3.92
CA PHE B 273 -8.95 10.73 -3.62
C PHE B 273 -7.94 10.02 -4.52
N GLN B 274 -7.18 10.82 -5.27
CA GLN B 274 -6.32 10.32 -6.32
C GLN B 274 -4.96 9.89 -5.72
N GLU B 275 -4.52 10.56 -4.67
CA GLU B 275 -3.26 10.22 -4.01
C GLU B 275 -3.51 10.01 -2.52
N ARG B 276 -2.95 8.92 -1.97
CA ARG B 276 -2.88 8.70 -0.54
C ARG B 276 -1.41 8.53 -0.15
N ILE B 277 -0.90 9.38 0.73
CA ILE B 277 0.47 9.23 1.22
C ILE B 277 0.41 9.03 2.72
N SER B 278 1.05 7.97 3.21
CA SER B 278 1.13 7.74 4.64
C SER B 278 2.58 7.59 5.05
N ILE B 279 2.91 8.12 6.24
CA ILE B 279 4.24 7.97 6.82
C ILE B 279 4.10 7.44 8.25
N VAL B 280 4.90 6.43 8.60
CA VAL B 280 4.82 5.81 9.92
C VAL B 280 6.18 5.94 10.61
N GLY B 281 6.17 6.56 11.81
CA GLY B 281 7.31 6.57 12.71
C GLY B 281 7.00 5.88 14.04
N ASP B 282 8.00 5.84 14.94
CA ASP B 282 7.89 5.11 16.18
C ASP B 282 7.19 5.94 17.24
N ALA B 283 6.78 7.19 16.92
CA ALA B 283 5.92 7.96 17.82
C ALA B 283 4.55 8.22 17.20
N ALA B 284 4.43 8.25 15.87
CA ALA B 284 3.18 8.64 15.26
C ALA B 284 3.12 8.28 13.78
N LYS B 285 1.91 8.35 13.22
CA LYS B 285 1.63 8.18 11.81
C LYS B 285 0.99 9.48 11.30
N ILE B 286 1.27 9.82 10.03
CA ILE B 286 0.59 10.92 9.37
C ILE B 286 0.21 10.47 7.95
N GLU B 287 -0.87 11.05 7.42
CA GLU B 287 -1.42 10.66 6.15
C GLU B 287 -2.15 11.84 5.48
N CYS B 288 -2.09 11.92 4.15
CA CYS B 288 -2.87 12.88 3.41
C CYS B 288 -3.63 12.19 2.29
N LEU B 289 -4.80 12.76 1.97
CA LEU B 289 -5.60 12.37 0.83
C LEU B 289 -5.75 13.58 -0.08
N ILE B 290 -5.35 13.41 -1.36
CA ILE B 290 -5.40 14.47 -2.35
C ILE B 290 -6.56 14.21 -3.31
N PRO B 291 -7.51 15.16 -3.45
CA PRO B 291 -8.65 15.00 -4.36
C PRO B 291 -8.24 15.03 -5.84
N VAL B 292 -9.09 14.43 -6.69
CA VAL B 292 -8.94 14.59 -8.12
C VAL B 292 -9.11 16.07 -8.49
N ALA B 293 -8.28 16.54 -9.42
CA ALA B 293 -8.41 17.90 -9.96
C ALA B 293 -9.80 18.12 -10.53
N ALA B 294 -10.33 19.32 -10.28
CA ALA B 294 -11.68 19.69 -10.67
C ALA B 294 -11.99 19.39 -12.14
N SER B 295 -11.04 19.69 -13.02
CA SER B 295 -11.26 19.51 -14.43
C SER B 295 -11.44 18.03 -14.79
N HIS B 296 -11.02 17.09 -13.91
CA HIS B 296 -11.17 15.66 -14.19
C HIS B 296 -12.26 14.96 -13.36
N TRP B 297 -12.93 15.69 -12.45
CA TRP B 297 -13.96 15.14 -11.59
C TRP B 297 -15.32 15.78 -11.92
N ILE B 298 -16.41 15.28 -11.32
CA ILE B 298 -17.77 15.81 -11.48
C ILE B 298 -17.82 17.26 -11.02
N GLU B 299 -18.49 18.12 -11.81
CA GLU B 299 -18.59 19.54 -11.49
C GLU B 299 -19.46 19.70 -10.23
N GLY B 300 -19.00 20.53 -9.29
CA GLY B 300 -19.73 20.76 -8.06
C GLY B 300 -19.43 19.76 -6.94
N ASP B 301 -18.67 18.68 -7.21
CA ASP B 301 -18.42 17.66 -6.20
C ASP B 301 -16.92 17.62 -5.86
N GLU B 302 -16.26 18.79 -5.88
CA GLU B 302 -14.84 18.84 -5.55
C GLU B 302 -14.67 18.63 -4.04
N SER B 303 -13.75 17.73 -3.65
CA SER B 303 -13.43 17.50 -2.24
C SER B 303 -12.21 18.34 -1.84
N GLU B 304 -12.05 18.59 -0.53
CA GLU B 304 -10.87 19.23 0.01
C GLU B 304 -9.86 18.17 0.43
N ALA B 305 -8.57 18.51 0.37
CA ALA B 305 -7.51 17.60 0.80
C ALA B 305 -7.56 17.52 2.32
N VAL B 306 -7.27 16.34 2.88
CA VAL B 306 -7.24 16.15 4.32
C VAL B 306 -5.87 15.64 4.75
N VAL B 307 -5.49 16.03 5.97
CA VAL B 307 -4.32 15.47 6.64
C VAL B 307 -4.79 14.94 8.00
N GLU B 308 -4.31 13.72 8.31
CA GLU B 308 -4.67 13.03 9.54
C GLU B 308 -3.39 12.67 10.28
N PHE B 309 -3.24 13.19 11.51
CA PHE B 309 -2.10 12.92 12.35
C PHE B 309 -2.55 11.95 13.45
N SER B 310 -1.84 10.84 13.59
CA SER B 310 -2.30 9.73 14.41
C SER B 310 -1.20 9.33 15.39
N PRO B 311 -1.08 10.01 16.57
CA PRO B 311 -0.08 9.65 17.55
C PRO B 311 -0.40 8.26 18.09
N ARG B 312 0.63 7.53 18.55
CA ARG B 312 0.44 6.23 19.16
C ARG B 312 0.04 6.30 20.64
N SER B 313 0.56 7.26 21.41
CA SER B 313 0.70 7.05 22.85
C SER B 313 -0.54 7.54 23.58
N PRO B 314 -0.94 8.83 23.48
CA PRO B 314 -2.33 9.19 23.74
C PRO B 314 -3.08 8.96 22.43
N LEU B 315 -3.85 7.87 22.39
CA LEU B 315 -4.75 7.57 21.29
C LEU B 315 -5.67 8.77 21.10
N GLY B 316 -5.80 9.21 19.84
CA GLY B 316 -6.58 10.39 19.52
C GLY B 316 -6.12 11.04 18.23
N PRO B 317 -6.57 10.53 17.06
CA PRO B 317 -6.19 11.12 15.78
C PRO B 317 -6.86 12.48 15.60
N GLU B 318 -6.19 13.33 14.80
CA GLU B 318 -6.60 14.69 14.50
C GLU B 318 -6.67 14.82 12.98
N THR B 319 -7.81 15.29 12.47
CA THR B 319 -8.01 15.42 11.04
C THR B 319 -8.36 16.88 10.71
N HIS B 320 -7.73 17.43 9.65
CA HIS B 320 -8.02 18.78 9.20
C HIS B 320 -7.97 18.85 7.67
N GLU B 321 -8.76 19.78 7.12
CA GLU B 321 -8.70 20.11 5.70
C GLU B 321 -7.53 21.06 5.46
N VAL B 322 -6.88 20.92 4.31
CA VAL B 322 -5.79 21.80 3.94
C VAL B 322 -6.26 22.63 2.76
N PRO B 323 -6.66 23.90 3.01
CA PRO B 323 -7.16 24.78 1.95
C PRO B 323 -6.01 25.20 1.04
N VAL B 324 -6.36 25.43 -0.22
CA VAL B 324 -5.49 26.02 -1.21
C VAL B 324 -6.21 27.24 -1.76
N ASP B 325 -5.46 28.33 -2.02
CA ASP B 325 -6.06 29.51 -2.63
C ASP B 325 -6.85 29.11 -3.86
N GLU B 326 -8.04 29.69 -4.05
CA GLU B 326 -8.94 29.26 -5.13
C GLU B 326 -8.27 29.44 -6.50
N ALA B 327 -7.56 30.54 -6.73
CA ALA B 327 -7.00 30.80 -8.05
C ALA B 327 -5.78 29.93 -8.31
N VAL B 328 -4.97 29.68 -7.27
CA VAL B 328 -3.82 28.81 -7.33
C VAL B 328 -4.26 27.39 -7.68
N LEU B 329 -5.38 26.95 -7.08
CA LEU B 329 -5.89 25.61 -7.33
C LEU B 329 -6.42 25.48 -8.75
N ALA B 330 -7.10 26.53 -9.23
CA ALA B 330 -7.76 26.48 -10.55
C ALA B 330 -6.73 26.62 -11.69
N ALA B 331 -5.56 27.19 -11.40
CA ALA B 331 -4.53 27.43 -12.39
C ALA B 331 -3.87 26.13 -12.89
N GLY B 332 -4.04 25.03 -12.17
CA GLY B 332 -3.38 23.79 -12.56
C GLY B 332 -4.16 22.56 -12.12
N ALA B 333 -3.58 21.37 -12.35
CA ALA B 333 -4.22 20.11 -12.03
C ALA B 333 -3.39 19.31 -11.04
N HIS B 334 -2.49 19.99 -10.34
CA HIS B 334 -1.58 19.37 -9.38
C HIS B 334 -1.72 20.05 -8.01
N HIS B 335 -2.97 20.44 -7.69
CA HIS B 335 -3.35 20.87 -6.35
C HIS B 335 -2.47 22.05 -5.91
N GLY B 336 -2.25 23.03 -6.80
CA GLY B 336 -1.61 24.28 -6.44
C GLY B 336 -0.06 24.23 -6.44
N SER B 337 0.50 23.05 -6.76
CA SER B 337 1.93 22.82 -6.57
C SER B 337 2.79 23.63 -7.56
N THR B 338 2.28 23.80 -8.78
CA THR B 338 3.02 24.48 -9.84
C THR B 338 3.29 25.94 -9.49
N TYR B 339 2.37 26.58 -8.77
CA TYR B 339 2.53 27.95 -8.33
C TYR B 339 3.76 28.10 -7.44
N TYR B 340 3.85 27.25 -6.41
CA TYR B 340 4.94 27.34 -5.43
C TYR B 340 6.26 26.91 -6.08
N GLU B 341 6.19 26.02 -7.08
CA GLU B 341 7.36 25.66 -7.87
C GLU B 341 7.91 26.92 -8.53
N HIS B 342 7.02 27.73 -9.12
CA HIS B 342 7.44 28.92 -9.84
C HIS B 342 7.95 30.01 -8.89
N LEU B 343 7.40 30.14 -7.68
CA LEU B 343 7.98 31.06 -6.70
C LEU B 343 9.45 30.72 -6.46
N GLY B 344 9.74 29.42 -6.30
CA GLY B 344 11.10 28.95 -6.05
C GLY B 344 12.02 29.18 -7.25
N TYR B 345 11.54 28.82 -8.45
CA TYR B 345 12.33 28.98 -9.66
C TYR B 345 12.64 30.46 -9.86
N ARG B 346 11.65 31.33 -9.64
CA ARG B 346 11.84 32.77 -9.74
C ARG B 346 13.02 33.21 -8.86
N LYS B 347 13.05 32.77 -7.60
CA LYS B 347 14.14 33.11 -6.70
C LYS B 347 15.49 32.62 -7.25
N ALA B 348 15.51 31.43 -7.84
CA ALA B 348 16.74 30.90 -8.39
C ALA B 348 17.24 31.77 -9.55
N ILE B 349 16.30 32.26 -10.38
CA ILE B 349 16.62 33.09 -11.54
C ILE B 349 17.28 34.40 -11.10
N LEU B 350 16.80 34.93 -9.98
CA LEU B 350 17.22 36.22 -9.47
C LEU B 350 18.48 36.11 -8.59
N GLY B 351 18.97 34.89 -8.35
CA GLY B 351 20.08 34.71 -7.42
C GLY B 351 19.67 34.98 -5.97
N GLU B 352 18.41 34.69 -5.63
CA GLU B 352 17.85 34.98 -4.32
C GLU B 352 17.64 33.70 -3.50
N GLY B 353 18.01 32.55 -4.08
CA GLY B 353 17.60 31.29 -3.50
C GLY B 353 18.13 30.14 -4.34
N PRO B 354 18.17 28.92 -3.77
CA PRO B 354 18.78 27.79 -4.44
C PRO B 354 17.77 27.03 -5.30
N VAL B 355 18.31 26.20 -6.18
CA VAL B 355 17.52 25.21 -6.89
C VAL B 355 17.16 24.10 -5.91
N GLU B 356 15.87 23.90 -5.65
CA GLU B 356 15.44 22.93 -4.66
C GLU B 356 15.37 21.53 -5.27
N VAL B 357 15.08 21.43 -6.58
CA VAL B 357 15.09 20.14 -7.26
C VAL B 357 16.14 20.19 -8.36
N THR B 358 17.31 19.60 -8.08
CA THR B 358 18.47 19.70 -8.96
C THR B 358 18.42 18.63 -10.05
N VAL B 359 19.34 18.74 -11.00
CA VAL B 359 19.53 17.70 -12.00
C VAL B 359 19.87 16.40 -11.30
N ALA B 360 20.73 16.46 -10.27
CA ALA B 360 21.08 15.28 -9.49
C ALA B 360 19.82 14.59 -8.96
N ASP B 361 18.86 15.37 -8.46
CA ASP B 361 17.58 14.83 -7.97
C ASP B 361 16.78 14.19 -9.11
N GLY B 362 16.79 14.85 -10.28
CA GLY B 362 16.17 14.31 -11.46
C GLY B 362 16.77 12.96 -11.87
N LEU B 363 18.10 12.86 -11.86
CA LEU B 363 18.79 11.64 -12.30
C LEU B 363 18.50 10.46 -11.39
N GLN B 364 18.51 10.72 -10.07
CA GLN B 364 18.17 9.67 -9.11
C GLN B 364 16.75 9.15 -9.36
N SER B 365 15.81 10.07 -9.64
CA SER B 365 14.41 9.68 -9.78
C SER B 365 14.25 8.79 -11.02
N VAL B 366 14.97 9.16 -12.08
CA VAL B 366 14.94 8.44 -13.35
C VAL B 366 15.58 7.06 -13.20
N ARG B 367 16.77 7.01 -12.61
CA ARG B 367 17.47 5.74 -12.44
C ARG B 367 16.66 4.83 -11.53
N MET B 368 15.94 5.41 -10.56
CA MET B 368 15.07 4.61 -9.73
C MET B 368 13.97 3.98 -10.60
N GLY B 369 13.36 4.79 -11.46
CA GLY B 369 12.28 4.30 -12.29
C GLY B 369 12.77 3.28 -13.31
N LEU B 370 13.96 3.53 -13.85
CA LEU B 370 14.56 2.63 -14.84
C LEU B 370 14.88 1.28 -14.18
N ALA B 371 15.34 1.33 -12.94
CA ALA B 371 15.64 0.12 -12.19
C ALA B 371 14.35 -0.65 -11.91
N ALA B 372 13.28 0.07 -11.61
CA ALA B 372 11.98 -0.55 -11.38
C ALA B 372 11.47 -1.25 -12.64
N GLU B 373 11.64 -0.65 -13.83
CA GLU B 373 11.23 -1.28 -15.08
C GLU B 373 12.06 -2.54 -15.28
N ARG B 374 13.36 -2.47 -15.04
CA ARG B 374 14.23 -3.63 -15.21
C ARG B 374 13.82 -4.71 -14.20
N SER B 375 13.41 -4.33 -12.98
CA SER B 375 13.00 -5.30 -11.97
C SER B 375 11.82 -6.12 -12.46
N ILE B 376 10.82 -5.44 -13.04
CA ILE B 376 9.64 -6.11 -13.55
C ILE B 376 10.06 -7.11 -14.62
N ILE B 377 10.97 -6.69 -15.49
CA ILE B 377 11.30 -7.47 -16.67
C ILE B 377 12.14 -8.67 -16.27
N GLU B 378 13.00 -8.55 -15.26
CA GLU B 378 13.94 -9.61 -14.92
C GLU B 378 13.47 -10.43 -13.72
N GLY B 379 12.37 -10.01 -13.07
CA GLY B 379 11.80 -10.69 -11.92
C GLY B 379 12.71 -10.71 -10.68
N ARG B 380 13.49 -9.64 -10.48
CA ARG B 380 14.53 -9.59 -9.46
C ARG B 380 14.67 -8.14 -9.00
N PRO B 381 15.12 -7.88 -7.77
CA PRO B 381 15.41 -6.53 -7.32
C PRO B 381 16.65 -6.01 -8.03
N VAL B 382 16.79 -4.69 -8.10
CA VAL B 382 17.92 -4.06 -8.74
C VAL B 382 18.63 -3.16 -7.72
N GLU B 383 19.94 -3.39 -7.54
CA GLU B 383 20.76 -2.62 -6.62
C GLU B 383 21.03 -1.24 -7.20
N LEU B 384 21.01 -0.22 -6.33
CA LEU B 384 21.29 1.16 -6.68
C LEU B 384 22.46 1.67 -5.87
N LEU B 385 23.35 2.45 -6.48
CA LEU B 385 24.51 3.00 -5.80
C LEU B 385 24.35 4.53 -5.73
PA NAD C . -2.28 -17.15 25.36
O1A NAD C . -0.83 -17.19 25.79
O2A NAD C . -3.20 -16.19 26.02
O5B NAD C . -2.89 -18.60 25.51
C5B NAD C . -2.09 -19.75 25.22
C4B NAD C . -2.51 -20.83 26.18
O4B NAD C . -2.02 -22.14 25.78
C3B NAD C . -2.01 -20.63 27.63
O3B NAD C . -3.13 -20.83 28.47
C2B NAD C . -0.93 -21.71 27.77
O2B NAD C . -0.85 -22.23 29.06
C1B NAD C . -1.52 -22.80 26.92
N9A NAD C . -0.58 -23.82 26.48
C8A NAD C . 0.78 -23.74 26.34
N7A NAD C . 1.33 -24.83 25.87
C5A NAD C . 0.25 -25.69 25.69
C6A NAD C . 0.16 -27.01 25.22
N6A NAD C . 1.22 -27.72 24.84
N1A NAD C . -1.06 -27.58 25.16
C2A NAD C . -2.10 -26.85 25.52
N3A NAD C . -2.14 -25.61 25.99
C4A NAD C . -0.92 -25.07 26.02
O3 NAD C . -2.27 -16.93 23.79
PN NAD C . -3.41 -16.80 22.70
O1N NAD C . -3.47 -15.34 22.32
O2N NAD C . -4.60 -17.52 23.21
O5D NAD C . -2.86 -17.62 21.44
C5D NAD C . -3.20 -19.02 21.31
C4D NAD C . -3.35 -19.40 19.85
O4D NAD C . -4.42 -18.66 19.26
C3D NAD C . -2.16 -19.18 18.90
O3D NAD C . -2.19 -20.06 17.80
C2D NAD C . -2.43 -17.78 18.35
O2D NAD C . -1.78 -17.57 17.10
C1D NAD C . -3.95 -17.94 18.16
N1N NAD C . -4.67 -16.67 18.04
C2N NAD C . -5.55 -16.49 16.99
C3N NAD C . -6.20 -15.28 16.80
C7N NAD C . -7.16 -15.11 15.66
O7N NAD C . -7.68 -14.00 15.43
N7N NAD C . -7.43 -16.17 14.90
C4N NAD C . -5.93 -14.23 17.69
C5N NAD C . -5.03 -14.42 18.73
C6N NAD C . -4.40 -15.64 18.91
C1 R7R D . -3.87 -12.91 15.61
C3 R7R D . -2.87 -11.68 17.56
C4 R7R D . -1.59 -11.28 18.28
C5 R7R D . -4.70 -10.64 16.32
C6 R7R D . -4.56 -11.63 15.14
O1 R7R D . -3.49 -13.72 14.48
C2 R7R D . -2.64 -12.72 16.46
O2 R7R D . -2.34 -14.01 17.02
S1 R7R D . -1.79 -10.30 19.77
O3 R7R D . -2.83 -10.93 20.61
O4 R7R D . -2.32 -8.99 19.39
O5 R7R D . -0.44 -10.25 20.35
O6 R7R D . -3.46 -10.47 17.05
O7 R7R D . -5.73 -10.97 17.24
O8 R7R D . -5.85 -11.97 14.60
PA NAD E . 1.47 17.76 -24.88
O1A NAD E . 1.53 16.70 -25.94
O2A NAD E . 0.17 18.35 -24.42
O5B NAD E . 2.40 18.99 -25.30
C5B NAD E . 3.71 18.67 -25.82
C4B NAD E . 4.08 19.74 -26.82
O4B NAD E . 5.49 19.60 -27.18
C3B NAD E . 3.29 19.68 -28.13
O3B NAD E . 2.65 20.93 -28.36
C2B NAD E . 4.36 19.35 -29.19
O2B NAD E . 4.15 19.97 -30.44
C1B NAD E . 5.61 19.91 -28.55
N9A NAD E . 6.87 19.39 -29.04
C8A NAD E . 7.12 18.17 -29.62
N7A NAD E . 8.37 18.00 -29.95
C5A NAD E . 8.99 19.16 -29.52
C6A NAD E . 10.34 19.61 -29.59
N6A NAD E . 11.30 18.90 -30.15
N1A NAD E . 10.62 20.85 -29.12
C2A NAD E . 9.61 21.58 -28.61
N3A NAD E . 8.33 21.27 -28.50
C4A NAD E . 8.08 20.04 -29.00
O3 NAD E . 2.29 17.07 -23.67
PN NAD E . 2.42 17.61 -22.16
O1N NAD E . 1.39 16.93 -21.32
O2N NAD E . 2.47 19.11 -22.15
O5D NAD E . 3.86 17.02 -21.80
C5D NAD E . 5.06 17.80 -22.04
C4D NAD E . 6.04 17.58 -20.92
O4D NAD E . 5.42 17.99 -19.68
C3D NAD E . 6.50 16.13 -20.68
O3D NAD E . 7.83 16.03 -20.22
C2D NAD E . 5.55 15.65 -19.57
O2D NAD E . 6.12 14.54 -18.87
C1D NAD E . 5.51 16.93 -18.74
N1N NAD E . 4.37 17.05 -17.84
C2N NAD E . 4.60 17.32 -16.51
C3N NAD E . 3.54 17.44 -15.63
C7N NAD E . 3.88 17.70 -14.19
O7N NAD E . 3.02 17.53 -13.31
N7N NAD E . 5.11 18.13 -13.93
C4N NAD E . 2.25 17.32 -16.09
C5N NAD E . 2.01 17.09 -17.44
C6N NAD E . 3.08 16.95 -18.31
C1 R7R F . 2.60 13.77 -15.04
C3 R7R F . 1.01 13.24 -16.87
C4 R7R F . 0.15 12.18 -17.50
C5 R7R F . 0.14 13.72 -14.56
C6 R7R F . 1.56 13.65 -13.96
O1 R7R F . 3.86 13.48 -14.47
C2 R7R F . 2.32 12.83 -16.21
O2 R7R F . 3.27 13.04 -17.25
S1 R7R F . -1.32 12.77 -18.36
O3 R7R F . -1.31 11.84 -19.50
O4 R7R F . -2.45 12.55 -17.42
O5 R7R F . -1.19 14.22 -18.67
O6 R7R F . 0.01 13.77 -15.99
O7 R7R F . -0.48 14.96 -14.18
O8 R7R F . 1.75 14.71 -13.01
#